data_5WAY
#
_entry.id   5WAY
#
_cell.length_a   80.118
_cell.length_b   106.256
_cell.length_c   100.213
_cell.angle_alpha   90.000
_cell.angle_beta   101.760
_cell.angle_gamma   90.000
#
_symmetry.space_group_name_H-M   'P 1 21 1'
#
loop_
_entity.id
_entity.type
_entity.pdbx_description
1 polymer 'Transcriptional activator'
2 non-polymer 'POTASSIUM ION'
3 non-polymer 'NICKEL (II) ION'
4 non-polymer GLYCEROL
5 water water
#
_entity_poly.entity_id   1
_entity_poly.type   'polypeptide(L)'
_entity_poly.pdbx_seq_one_letter_code
;MRDLLSKKSHRQLELLELLFEHKRWFHRSELAELLNCTERAVKDDLSHVKSAFPDLIFHSSTNGIRIINTDDSDIEMVYH
HFFKHSTHFSILEFIFFNEGCQAESICKEFYISSSSLYRIISQINKVIKRQFQFEVSLTPVQIIGNERDIRYFFAQYFSE
KYYFLEWPFENFSSEPLSQLLELVYKETSFPMNLSTHRMLKLLLVTNLYRIKFGHFMEVDKDSFNDQSLDFLMQAEGIEG
VAQSFESEYNISLDEEVVCQLFVSYFQKMFFIDESLFMKCVKKDSYVEKSYHLLSDFIDQISVKYQIEIENKDNLIWHLH
NTAHLYRQELFTEFILFDQKGNTIRNFQNIFPKFVSDVKKELSHYLETLEVCSSSMMVNHLSYTFITHTKHLVINLLQNQ
PKLKVLVMSNFDQYHAKFVAETLSYYCSNNFELEVWTELELSKESLEDSPYDIIISNFIIPPIENKRLIYSNNINTVSLI
YLLNAMMFIRLDEAGHHHHHH
;
_entity_poly.pdbx_strand_id   A,B
#
loop_
_chem_comp.id
_chem_comp.type
_chem_comp.name
_chem_comp.formula
GOL non-polymer GLYCEROL 'C3 H8 O3'
K non-polymer 'POTASSIUM ION' 'K 1'
NI non-polymer 'NICKEL (II) ION' 'Ni 2'
#
# COMPACT_ATOMS: atom_id res chain seq x y z
N MET A 1 -17.00 -28.75 -19.94
CA MET A 1 -17.70 -29.77 -19.11
C MET A 1 -18.72 -29.16 -18.18
N ARG A 2 -18.81 -27.84 -18.15
CA ARG A 2 -19.80 -27.18 -17.29
C ARG A 2 -21.27 -27.51 -17.63
N ASP A 3 -21.52 -28.05 -18.83
CA ASP A 3 -22.85 -28.52 -19.17
C ASP A 3 -23.28 -29.80 -18.44
N LEU A 4 -22.38 -30.46 -17.71
CA LEU A 4 -22.83 -31.50 -16.76
C LEU A 4 -23.56 -30.95 -15.53
N LEU A 5 -23.39 -29.67 -15.25
CA LEU A 5 -24.04 -29.04 -14.12
C LEU A 5 -25.48 -28.80 -14.47
N SER A 6 -26.35 -28.72 -13.48
CA SER A 6 -27.74 -28.27 -13.73
C SER A 6 -27.71 -26.87 -14.35
N LYS A 7 -28.84 -26.43 -14.91
CA LYS A 7 -28.97 -25.11 -15.50
C LYS A 7 -28.76 -24.06 -14.40
N LYS A 8 -29.47 -24.21 -13.29
CA LYS A 8 -29.31 -23.28 -12.16
C LYS A 8 -27.87 -23.20 -11.67
N SER A 9 -27.21 -24.35 -11.59
CA SER A 9 -25.86 -24.40 -11.05
C SER A 9 -24.89 -23.73 -12.03
N HIS A 10 -25.06 -24.01 -13.32
CA HIS A 10 -24.24 -23.45 -14.37
C HIS A 10 -24.34 -21.92 -14.34
N ARG A 11 -25.56 -21.43 -14.30
CA ARG A 11 -25.79 -20.00 -14.28
C ARG A 11 -25.18 -19.36 -13.01
N GLN A 12 -25.40 -19.98 -11.85
CA GLN A 12 -24.82 -19.45 -10.62
C GLN A 12 -23.29 -19.44 -10.68
N LEU A 13 -22.72 -20.46 -11.31
CA LEU A 13 -21.27 -20.52 -11.42
C LEU A 13 -20.78 -19.30 -12.21
N GLU A 14 -21.39 -19.05 -13.37
CA GLU A 14 -21.02 -17.92 -14.23
C GLU A 14 -21.25 -16.57 -13.56
N LEU A 15 -22.30 -16.48 -12.76
CA LEU A 15 -22.58 -15.28 -12.01
C LEU A 15 -21.41 -15.04 -11.10
N LEU A 16 -20.97 -16.08 -10.39
CA LEU A 16 -19.91 -15.89 -9.43
C LEU A 16 -18.60 -15.62 -10.12
N GLU A 17 -18.35 -16.29 -11.24
CA GLU A 17 -17.12 -16.04 -11.99
C GLU A 17 -17.05 -14.57 -12.42
N LEU A 18 -18.19 -14.03 -12.84
CA LEU A 18 -18.29 -12.62 -13.21
C LEU A 18 -17.92 -11.73 -12.03
N LEU A 19 -18.55 -11.96 -10.89
CA LEU A 19 -18.32 -11.11 -9.71
C LEU A 19 -16.91 -11.20 -9.13
N PHE A 20 -16.23 -12.32 -9.39
CA PHE A 20 -14.87 -12.51 -8.91
C PHE A 20 -13.86 -11.88 -9.87
N GLU A 21 -14.22 -11.85 -11.15
CA GLU A 21 -13.35 -11.35 -12.19
C GLU A 21 -13.34 -9.84 -12.22
N HIS A 22 -14.50 -9.24 -11.94
CA HIS A 22 -14.70 -7.81 -12.08
C HIS A 22 -15.04 -7.23 -10.72
N LYS A 23 -14.31 -6.20 -10.30
CA LYS A 23 -14.54 -5.57 -9.00
C LYS A 23 -15.60 -4.45 -9.07
N ARG A 24 -16.12 -4.17 -10.26
CA ARG A 24 -17.11 -3.10 -10.45
C ARG A 24 -18.50 -3.44 -9.88
N TRP A 25 -19.34 -2.41 -9.79
CA TRP A 25 -20.75 -2.58 -9.45
C TRP A 25 -21.57 -3.05 -10.65
N PHE A 26 -22.58 -3.87 -10.38
CA PHE A 26 -23.45 -4.45 -11.40
C PHE A 26 -24.91 -4.34 -11.02
N HIS A 27 -25.71 -3.65 -11.84
CA HIS A 27 -27.16 -3.70 -11.66
C HIS A 27 -27.67 -5.03 -12.19
N ARG A 28 -28.81 -5.45 -11.66
CA ARG A 28 -29.43 -6.70 -12.09
C ARG A 28 -29.76 -6.64 -13.57
N SER A 29 -30.06 -5.44 -14.07
CA SER A 29 -30.21 -5.21 -15.51
C SER A 29 -29.01 -5.76 -16.26
N GLU A 30 -27.81 -5.33 -15.84
CA GLU A 30 -26.57 -5.69 -16.49
C GLU A 30 -26.25 -7.18 -16.32
N LEU A 31 -26.49 -7.71 -15.12
CA LEU A 31 -26.24 -9.13 -14.84
C LEU A 31 -27.16 -9.99 -15.67
N ALA A 32 -28.41 -9.56 -15.80
CA ALA A 32 -29.39 -10.31 -16.59
C ALA A 32 -28.91 -10.51 -18.04
N GLU A 33 -28.42 -9.44 -18.67
CA GLU A 33 -28.08 -9.52 -20.08
C GLU A 33 -26.70 -10.14 -20.31
N LEU A 34 -25.72 -9.77 -19.48
CA LEU A 34 -24.40 -10.41 -19.55
C LEU A 34 -24.45 -11.93 -19.40
N LEU A 35 -25.36 -12.41 -18.53
CA LEU A 35 -25.52 -13.85 -18.28
C LEU A 35 -26.67 -14.44 -19.08
N ASN A 36 -27.25 -13.63 -19.97
CA ASN A 36 -28.32 -14.07 -20.87
C ASN A 36 -29.49 -14.78 -20.16
N CYS A 37 -29.91 -14.24 -19.03
CA CYS A 37 -31.04 -14.78 -18.29
C CYS A 37 -32.00 -13.65 -17.89
N THR A 38 -33.07 -13.99 -17.18
CA THR A 38 -34.02 -12.99 -16.71
C THR A 38 -33.53 -12.35 -15.43
N GLU A 39 -34.15 -11.24 -15.06
CA GLU A 39 -33.84 -10.58 -13.80
C GLU A 39 -34.30 -11.41 -12.61
N ARG A 40 -35.33 -12.22 -12.82
CA ARG A 40 -35.83 -13.12 -11.77
C ARG A 40 -34.80 -14.22 -11.47
N ALA A 41 -34.27 -14.82 -12.53
CA ALA A 41 -33.19 -15.80 -12.37
C ALA A 41 -32.02 -15.21 -11.58
N VAL A 42 -31.60 -13.99 -11.94
CA VAL A 42 -30.49 -13.31 -11.24
C VAL A 42 -30.76 -13.15 -9.73
N LYS A 43 -31.97 -12.70 -9.42
CA LYS A 43 -32.40 -12.50 -8.04
C LYS A 43 -32.40 -13.83 -7.28
N ASP A 44 -32.99 -14.86 -7.89
CA ASP A 44 -33.01 -16.20 -7.27
C ASP A 44 -31.60 -16.78 -7.09
N ASP A 45 -30.75 -16.61 -8.10
CA ASP A 45 -29.36 -17.07 -8.02
C ASP A 45 -28.58 -16.35 -6.93
N LEU A 46 -28.83 -15.05 -6.79
CA LEU A 46 -28.14 -14.25 -5.81
C LEU A 46 -28.44 -14.73 -4.41
N SER A 47 -29.71 -14.99 -4.10
CA SER A 47 -30.05 -15.42 -2.73
C SER A 47 -29.58 -16.86 -2.52
N HIS A 48 -29.61 -17.70 -3.55
CA HIS A 48 -29.03 -19.04 -3.42
C HIS A 48 -27.54 -18.99 -3.10
N VAL A 49 -26.85 -18.08 -3.78
CA VAL A 49 -25.44 -17.93 -3.67
C VAL A 49 -25.06 -17.30 -2.30
N LYS A 50 -25.85 -16.34 -1.83
CA LYS A 50 -25.60 -15.73 -0.53
C LYS A 50 -25.60 -16.79 0.57
N SER A 51 -26.59 -17.68 0.52
CA SER A 51 -26.73 -18.73 1.52
C SER A 51 -25.66 -19.83 1.38
N ALA A 52 -25.25 -20.14 0.14
CA ALA A 52 -24.24 -21.20 -0.10
C ALA A 52 -22.84 -20.75 0.29
N PHE A 53 -22.56 -19.45 0.13
CA PHE A 53 -21.24 -18.91 0.45
C PHE A 53 -21.31 -17.76 1.50
N PRO A 54 -21.72 -18.09 2.74
CA PRO A 54 -22.00 -17.06 3.75
C PRO A 54 -20.79 -16.17 4.04
N ASP A 55 -19.59 -16.71 3.88
CA ASP A 55 -18.38 -15.92 4.07
C ASP A 55 -18.30 -14.75 3.08
N LEU A 56 -18.76 -14.97 1.84
CA LEU A 56 -18.73 -13.90 0.82
C LEU A 56 -19.62 -12.75 1.24
N ILE A 57 -19.09 -11.53 1.12
CA ILE A 57 -19.78 -10.31 1.54
C ILE A 57 -20.39 -9.56 0.35
N PHE A 58 -21.71 -9.58 0.25
CA PHE A 58 -22.45 -8.93 -0.83
C PHE A 58 -22.99 -7.59 -0.39
N HIS A 59 -22.53 -6.49 -1.00
CA HIS A 59 -23.16 -5.19 -0.79
C HIS A 59 -24.19 -4.95 -1.89
N SER A 60 -25.23 -4.20 -1.52
CA SER A 60 -26.22 -3.72 -2.47
C SER A 60 -26.20 -2.19 -2.37
N SER A 61 -26.51 -1.51 -3.47
CA SER A 61 -26.42 -0.05 -3.51
C SER A 61 -27.30 0.55 -4.59
N THR A 62 -27.31 1.87 -4.65
CA THR A 62 -27.81 2.61 -5.81
C THR A 62 -27.05 2.22 -7.08
N ASN A 63 -25.78 1.82 -6.90
CA ASN A 63 -24.90 1.43 -8.00
C ASN A 63 -25.13 0.01 -8.51
N GLY A 64 -25.66 -0.84 -7.63
CA GLY A 64 -25.98 -2.22 -7.99
C GLY A 64 -25.49 -3.18 -6.92
N ILE A 65 -24.90 -4.28 -7.36
CA ILE A 65 -24.44 -5.36 -6.48
C ILE A 65 -22.98 -5.73 -6.79
N ARG A 66 -22.23 -6.09 -5.75
CA ARG A 66 -20.89 -6.64 -5.94
C ARG A 66 -20.42 -7.40 -4.71
N ILE A 67 -19.44 -8.27 -4.91
CA ILE A 67 -18.75 -8.90 -3.80
C ILE A 67 -17.57 -7.99 -3.41
N ILE A 68 -17.49 -7.67 -2.12
CA ILE A 68 -16.49 -6.76 -1.55
C ILE A 68 -15.27 -7.53 -1.08
N ASN A 69 -15.46 -8.82 -0.87
CA ASN A 69 -14.55 -9.61 -0.05
C ASN A 69 -13.50 -10.39 -0.84
N THR A 70 -13.64 -10.43 -2.17
CA THR A 70 -12.91 -11.42 -3.01
C THR A 70 -11.41 -11.65 -2.69
N ASP A 71 -10.69 -10.61 -2.27
CA ASP A 71 -9.26 -10.73 -1.87
C ASP A 71 -8.99 -11.52 -0.56
N ASP A 72 -10.03 -11.87 0.20
CA ASP A 72 -9.86 -12.76 1.35
C ASP A 72 -10.14 -14.23 0.96
N SER A 73 -11.10 -14.43 0.07
CA SER A 73 -11.50 -15.75 -0.34
C SER A 73 -10.79 -16.09 -1.65
N ASP A 74 -11.37 -17.01 -2.42
CA ASP A 74 -10.82 -17.41 -3.70
C ASP A 74 -11.89 -18.24 -4.41
N ILE A 75 -11.88 -18.07 -5.72
CA ILE A 75 -12.83 -18.73 -6.59
C ILE A 75 -12.77 -20.26 -6.50
N GLU A 76 -11.61 -20.82 -6.14
CA GLU A 76 -11.51 -22.27 -5.90
C GLU A 76 -12.62 -22.77 -5.00
N MET A 77 -12.99 -21.94 -4.04
CA MET A 77 -14.11 -22.21 -3.11
C MET A 77 -15.45 -22.52 -3.84
N VAL A 78 -15.72 -21.76 -4.89
CA VAL A 78 -16.94 -21.89 -5.67
C VAL A 78 -16.97 -23.21 -6.43
N TYR A 79 -15.89 -23.51 -7.11
CA TYR A 79 -15.81 -24.75 -7.89
C TYR A 79 -15.88 -25.90 -6.93
N HIS A 80 -15.14 -25.80 -5.83
CA HIS A 80 -15.13 -26.88 -4.85
C HIS A 80 -16.57 -27.18 -4.47
N HIS A 81 -17.35 -26.13 -4.18
CA HIS A 81 -18.76 -26.29 -3.89
C HIS A 81 -19.60 -26.87 -5.06
N PHE A 82 -19.49 -26.37 -6.29
CA PHE A 82 -20.40 -26.85 -7.38
C PHE A 82 -20.04 -28.26 -7.85
N PHE A 83 -18.77 -28.63 -7.78
CA PHE A 83 -18.41 -30.04 -8.01
C PHE A 83 -19.09 -30.91 -6.97
N LYS A 84 -18.89 -30.55 -5.69
CA LYS A 84 -19.39 -31.37 -4.57
C LYS A 84 -20.92 -31.56 -4.66
N HIS A 85 -21.68 -30.53 -5.03
CA HIS A 85 -23.15 -30.64 -5.10
C HIS A 85 -23.72 -31.02 -6.45
N SER A 86 -22.89 -31.46 -7.39
CA SER A 86 -23.37 -31.88 -8.75
C SER A 86 -23.66 -33.39 -8.84
N THR A 87 -24.86 -33.74 -9.29
CA THR A 87 -25.27 -35.15 -9.38
C THR A 87 -24.55 -35.87 -10.49
N HIS A 88 -24.41 -35.22 -11.64
CA HIS A 88 -23.76 -35.86 -12.78
C HIS A 88 -22.26 -36.12 -12.49
N PHE A 89 -21.56 -35.16 -11.91
CA PHE A 89 -20.16 -35.37 -11.61
C PHE A 89 -20.01 -36.43 -10.53
N SER A 90 -20.89 -36.41 -9.54
CA SER A 90 -20.82 -37.39 -8.45
C SER A 90 -20.99 -38.81 -8.96
N ILE A 91 -21.92 -38.99 -9.88
CA ILE A 91 -22.19 -40.34 -10.45
C ILE A 91 -20.99 -40.81 -11.26
N LEU A 92 -20.49 -39.89 -12.07
CA LEU A 92 -19.32 -40.14 -12.88
C LEU A 92 -18.14 -40.55 -12.01
N GLU A 93 -17.91 -39.81 -10.94
CA GLU A 93 -16.83 -40.15 -10.04
C GLU A 93 -17.06 -41.51 -9.32
N PHE A 94 -18.31 -41.74 -8.87
CA PHE A 94 -18.67 -43.02 -8.30
C PHE A 94 -18.34 -44.15 -9.27
N ILE A 95 -18.72 -43.98 -10.53
CA ILE A 95 -18.44 -45.01 -11.52
C ILE A 95 -16.95 -45.24 -11.71
N PHE A 96 -16.18 -44.15 -11.78
CA PHE A 96 -14.76 -44.24 -11.85
C PHE A 96 -14.17 -45.06 -10.72
N PHE A 97 -14.68 -44.90 -9.50
CA PHE A 97 -14.16 -45.66 -8.37
C PHE A 97 -14.73 -47.09 -8.23
N ASN A 98 -15.71 -47.48 -9.05
CA ASN A 98 -16.47 -48.73 -8.81
C ASN A 98 -16.70 -49.50 -10.10
N GLU A 99 -15.63 -49.68 -10.88
CA GLU A 99 -15.73 -50.47 -12.07
C GLU A 99 -16.25 -51.87 -11.65
N GLY A 100 -17.16 -52.43 -12.44
CA GLY A 100 -17.69 -53.77 -12.19
C GLY A 100 -18.82 -53.89 -11.19
N CYS A 101 -19.23 -52.80 -10.54
CA CYS A 101 -20.34 -52.88 -9.59
C CYS A 101 -21.65 -53.11 -10.39
N GLN A 102 -22.71 -53.49 -9.70
CA GLN A 102 -24.03 -53.57 -10.35
C GLN A 102 -24.59 -52.16 -10.59
N ALA A 103 -25.15 -51.90 -11.78
CA ALA A 103 -25.87 -50.66 -12.04
C ALA A 103 -26.81 -50.24 -10.89
N GLU A 104 -27.50 -51.25 -10.37
CA GLU A 104 -28.40 -51.12 -9.23
C GLU A 104 -27.76 -50.48 -7.99
N SER A 105 -26.49 -50.79 -7.74
CA SER A 105 -25.75 -50.13 -6.63
C SER A 105 -25.67 -48.62 -6.82
N ILE A 106 -25.60 -48.20 -8.08
CA ILE A 106 -25.51 -46.78 -8.40
C ILE A 106 -26.86 -46.14 -8.10
N CYS A 107 -27.94 -46.76 -8.55
CA CYS A 107 -29.32 -46.28 -8.26
C CYS A 107 -29.58 -46.11 -6.76
N LYS A 108 -29.18 -47.12 -6.00
CA LYS A 108 -29.28 -47.14 -4.55
C LYS A 108 -28.45 -46.03 -3.95
N GLU A 109 -27.19 -45.94 -4.38
CA GLU A 109 -26.28 -44.92 -3.86
C GLU A 109 -26.83 -43.50 -4.03
N PHE A 110 -27.50 -43.23 -5.15
CA PHE A 110 -28.01 -41.91 -5.47
C PHE A 110 -29.50 -41.71 -5.40
N TYR A 111 -30.25 -42.69 -4.86
CA TYR A 111 -31.71 -42.57 -4.75
C TYR A 111 -32.42 -42.22 -6.07
N ILE A 112 -31.99 -42.84 -7.17
CA ILE A 112 -32.61 -42.65 -8.47
C ILE A 112 -33.08 -43.98 -9.06
N SER A 113 -34.07 -43.90 -9.93
CA SER A 113 -34.58 -45.06 -10.64
C SER A 113 -33.57 -45.52 -11.67
N SER A 114 -33.76 -46.74 -12.13
CA SER A 114 -32.95 -47.26 -13.22
C SER A 114 -33.14 -46.44 -14.53
N SER A 115 -34.37 -46.07 -14.85
CA SER A 115 -34.60 -45.24 -16.02
C SER A 115 -33.94 -43.86 -15.86
N SER A 116 -33.93 -43.31 -14.65
CA SER A 116 -33.28 -42.02 -14.46
C SER A 116 -31.77 -42.18 -14.65
N LEU A 117 -31.19 -43.27 -14.17
CA LEU A 117 -29.77 -43.47 -14.32
C LEU A 117 -29.34 -43.55 -15.80
N TYR A 118 -30.12 -44.26 -16.60
CA TYR A 118 -29.87 -44.34 -18.04
C TYR A 118 -29.97 -42.97 -18.71
N ARG A 119 -30.97 -42.16 -18.34
CA ARG A 119 -31.07 -40.79 -18.85
C ARG A 119 -29.83 -39.98 -18.48
N ILE A 120 -29.46 -40.03 -17.20
CA ILE A 120 -28.27 -39.33 -16.72
C ILE A 120 -27.01 -39.73 -17.47
N ILE A 121 -26.78 -41.04 -17.59
CA ILE A 121 -25.58 -41.53 -18.28
C ILE A 121 -25.58 -41.09 -19.76
N SER A 122 -26.75 -41.10 -20.38
CA SER A 122 -26.89 -40.60 -21.73
C SER A 122 -26.45 -39.12 -21.84
N GLN A 123 -26.93 -38.28 -20.93
CA GLN A 123 -26.57 -36.86 -20.92
CA GLN A 123 -26.57 -36.86 -20.92
C GLN A 123 -25.08 -36.67 -20.66
N ILE A 124 -24.54 -37.39 -19.67
CA ILE A 124 -23.13 -37.32 -19.39
C ILE A 124 -22.27 -37.65 -20.62
N ASN A 125 -22.57 -38.74 -21.29
CA ASN A 125 -21.78 -39.16 -22.44
C ASN A 125 -21.85 -38.13 -23.57
N LYS A 126 -23.02 -37.56 -23.79
CA LYS A 126 -23.18 -36.50 -24.79
C LYS A 126 -22.23 -35.31 -24.52
N VAL A 127 -22.21 -34.81 -23.28
CA VAL A 127 -21.32 -33.71 -22.91
C VAL A 127 -19.85 -34.07 -23.04
N ILE A 128 -19.48 -35.24 -22.54
CA ILE A 128 -18.08 -35.67 -22.56
C ILE A 128 -17.53 -35.73 -23.99
N LYS A 129 -18.29 -36.29 -24.92
CA LYS A 129 -17.74 -36.50 -26.27
C LYS A 129 -17.51 -35.20 -27.09
N ARG A 130 -18.09 -34.08 -26.67
CA ARG A 130 -17.75 -32.78 -27.25
C ARG A 130 -16.26 -32.45 -27.11
N GLN A 131 -15.56 -33.12 -26.20
CA GLN A 131 -14.17 -32.77 -25.94
C GLN A 131 -13.26 -33.98 -25.84
N PHE A 132 -13.79 -35.11 -25.39
CA PHE A 132 -12.99 -36.29 -25.07
C PHE A 132 -13.66 -37.55 -25.68
N GLN A 133 -12.86 -38.51 -26.14
CA GLN A 133 -13.40 -39.73 -26.74
C GLN A 133 -13.51 -40.89 -25.75
N PHE A 134 -14.42 -40.79 -24.82
CA PHE A 134 -14.71 -41.92 -23.97
C PHE A 134 -16.16 -41.90 -23.53
N GLU A 135 -16.62 -43.00 -22.95
CA GLU A 135 -18.01 -43.05 -22.52
C GLU A 135 -18.18 -43.96 -21.33
N VAL A 136 -19.25 -43.72 -20.59
CA VAL A 136 -19.59 -44.57 -19.47
C VAL A 136 -20.52 -45.63 -20.01
N SER A 137 -20.35 -46.85 -19.52
CA SER A 137 -21.23 -47.98 -19.86
C SER A 137 -21.77 -48.56 -18.56
N LEU A 138 -23.01 -49.04 -18.60
CA LEU A 138 -23.65 -49.67 -17.45
C LEU A 138 -23.73 -51.21 -17.54
N THR A 139 -23.37 -51.78 -18.69
CA THR A 139 -23.51 -53.22 -18.94
C THR A 139 -22.24 -53.79 -19.55
N PRO A 140 -21.22 -54.08 -18.74
CA PRO A 140 -21.07 -53.83 -17.32
C PRO A 140 -20.67 -52.37 -17.01
N VAL A 141 -20.57 -52.07 -15.72
CA VAL A 141 -20.33 -50.72 -15.27
C VAL A 141 -18.86 -50.41 -15.52
N GLN A 142 -18.59 -49.54 -16.50
CA GLN A 142 -17.21 -49.18 -16.78
C GLN A 142 -17.08 -47.94 -17.63
N ILE A 143 -15.86 -47.43 -17.69
CA ILE A 143 -15.55 -46.28 -18.53
C ILE A 143 -14.59 -46.76 -19.62
N ILE A 144 -14.97 -46.56 -20.87
CA ILE A 144 -14.23 -47.07 -22.00
C ILE A 144 -14.04 -46.03 -23.09
N GLY A 145 -13.06 -46.31 -23.94
CA GLY A 145 -12.74 -45.49 -25.11
C GLY A 145 -11.28 -45.12 -25.05
N ASN A 146 -10.99 -43.87 -25.41
CA ASN A 146 -9.60 -43.42 -25.49
C ASN A 146 -8.95 -43.33 -24.11
N GLU A 147 -8.00 -44.21 -23.84
CA GLU A 147 -7.43 -44.33 -22.50
C GLU A 147 -6.68 -43.06 -22.03
N ARG A 148 -5.95 -42.42 -22.93
CA ARG A 148 -5.26 -41.18 -22.59
C ARG A 148 -6.25 -40.10 -22.16
N ASP A 149 -7.33 -39.97 -22.90
CA ASP A 149 -8.40 -39.04 -22.54
C ASP A 149 -9.04 -39.31 -21.16
N ILE A 150 -9.24 -40.57 -20.83
CA ILE A 150 -9.86 -40.99 -19.58
C ILE A 150 -8.93 -40.63 -18.43
N ARG A 151 -7.67 -41.00 -18.59
CA ARG A 151 -6.69 -40.73 -17.58
C ARG A 151 -6.51 -39.21 -17.35
N TYR A 152 -6.54 -38.42 -18.43
CA TYR A 152 -6.37 -36.99 -18.29
C TYR A 152 -7.60 -36.41 -17.61
N PHE A 153 -8.77 -36.77 -18.09
CA PHE A 153 -10.02 -36.22 -17.59
C PHE A 153 -10.11 -36.36 -16.06
N PHE A 154 -9.79 -37.54 -15.55
CA PHE A 154 -10.02 -37.79 -14.16
C PHE A 154 -8.95 -37.20 -13.28
N ALA A 155 -7.70 -37.24 -13.71
CA ALA A 155 -6.62 -36.62 -12.93
C ALA A 155 -6.91 -35.12 -12.84
N GLN A 156 -7.27 -34.50 -13.95
CA GLN A 156 -7.58 -33.07 -13.95
C GLN A 156 -8.79 -32.79 -13.05
N TYR A 157 -9.85 -33.61 -13.20
CA TYR A 157 -11.03 -33.50 -12.37
C TYR A 157 -10.68 -33.53 -10.89
N PHE A 158 -9.88 -34.51 -10.47
CA PHE A 158 -9.50 -34.64 -9.06
C PHE A 158 -8.69 -33.43 -8.56
N SER A 159 -7.84 -32.89 -9.43
CA SER A 159 -7.06 -31.70 -9.13
C SER A 159 -7.94 -30.48 -8.96
N GLU A 160 -9.06 -30.41 -9.67
CA GLU A 160 -9.98 -29.27 -9.48
C GLU A 160 -10.97 -29.45 -8.34
N LYS A 161 -11.53 -30.63 -8.20
CA LYS A 161 -12.57 -30.84 -7.24
C LYS A 161 -12.08 -30.84 -5.79
N TYR A 162 -10.90 -31.39 -5.55
CA TYR A 162 -10.42 -31.55 -4.18
C TYR A 162 -9.34 -30.53 -3.86
N TYR A 163 -9.33 -30.07 -2.62
CA TYR A 163 -8.28 -29.20 -2.15
C TYR A 163 -6.96 -29.92 -2.23
N PHE A 164 -5.91 -29.13 -2.31
CA PHE A 164 -4.56 -29.59 -2.50
C PHE A 164 -4.15 -30.61 -1.44
N LEU A 165 -4.55 -30.37 -0.19
CA LEU A 165 -4.17 -31.28 0.89
C LEU A 165 -5.10 -32.50 1.04
N GLU A 166 -6.19 -32.56 0.28
CA GLU A 166 -7.12 -33.68 0.39
C GLU A 166 -6.67 -34.90 -0.37
N TRP A 167 -7.08 -36.06 0.13
CA TRP A 167 -6.77 -37.32 -0.48
C TRP A 167 -8.05 -38.16 -0.47
N PRO A 168 -8.89 -38.02 -1.51
CA PRO A 168 -10.17 -38.72 -1.60
C PRO A 168 -10.13 -40.18 -2.12
N PHE A 169 -8.95 -40.77 -2.23
CA PHE A 169 -8.82 -42.11 -2.81
C PHE A 169 -8.76 -43.19 -1.73
N GLU A 170 -9.91 -43.80 -1.44
CA GLU A 170 -10.03 -44.76 -0.33
C GLU A 170 -9.34 -46.10 -0.58
N ASN A 171 -9.48 -46.63 -1.79
CA ASN A 171 -8.79 -47.87 -2.16
C ASN A 171 -7.25 -47.75 -2.09
N PHE A 172 -6.72 -46.57 -2.40
CA PHE A 172 -5.30 -46.39 -2.60
C PHE A 172 -4.72 -45.28 -1.73
N SER A 173 -3.96 -45.67 -0.69
CA SER A 173 -3.27 -44.69 0.14
C SER A 173 -2.15 -44.07 -0.66
N SER A 174 -1.66 -42.92 -0.21
CA SER A 174 -0.65 -42.18 -0.96
C SER A 174 0.75 -42.75 -0.76
N GLU A 175 0.97 -43.44 0.35
CA GLU A 175 2.34 -43.75 0.78
C GLU A 175 3.13 -44.60 -0.22
N PRO A 176 2.55 -45.71 -0.70
CA PRO A 176 3.28 -46.50 -1.70
C PRO A 176 3.67 -45.71 -2.95
N LEU A 177 2.78 -44.85 -3.43
CA LEU A 177 3.10 -43.95 -4.53
C LEU A 177 4.23 -42.96 -4.19
N SER A 178 4.25 -42.49 -2.94
CA SER A 178 5.34 -41.61 -2.48
C SER A 178 6.65 -42.40 -2.49
N GLN A 179 6.63 -43.55 -1.82
CA GLN A 179 7.77 -44.48 -1.79
C GLN A 179 8.23 -44.78 -3.20
N LEU A 180 7.29 -45.06 -4.11
CA LEU A 180 7.67 -45.28 -5.49
C LEU A 180 8.29 -44.03 -6.09
N LEU A 181 7.71 -42.86 -5.80
CA LEU A 181 8.20 -41.63 -6.40
C LEU A 181 9.59 -41.29 -5.88
N GLU A 182 9.82 -41.49 -4.59
CA GLU A 182 11.15 -41.33 -4.02
C GLU A 182 12.22 -42.02 -4.89
N LEU A 183 12.05 -43.33 -5.09
CA LEU A 183 12.90 -44.13 -5.97
C LEU A 183 13.06 -43.50 -7.34
N VAL A 184 11.95 -43.07 -7.91
CA VAL A 184 11.95 -42.47 -9.23
C VAL A 184 12.79 -41.20 -9.25
N TYR A 185 12.69 -40.38 -8.22
CA TYR A 185 13.42 -39.10 -8.18
C TYR A 185 14.95 -39.26 -8.21
N LYS A 186 15.46 -40.16 -7.36
CA LYS A 186 16.89 -40.48 -7.31
C LYS A 186 17.46 -40.74 -8.70
N GLU A 187 16.83 -41.64 -9.44
CA GLU A 187 17.39 -42.10 -10.70
C GLU A 187 16.88 -41.35 -11.93
N THR A 188 16.23 -40.19 -11.76
CA THR A 188 15.62 -39.48 -12.90
C THR A 188 15.78 -37.98 -12.77
N SER A 189 15.24 -37.26 -13.75
CA SER A 189 15.43 -35.82 -13.87
C SER A 189 14.18 -34.95 -13.61
N PHE A 190 13.08 -35.55 -13.14
CA PHE A 190 11.88 -34.77 -12.80
C PHE A 190 12.20 -33.70 -11.74
N PRO A 191 11.66 -32.48 -11.90
CA PRO A 191 11.78 -31.60 -10.74
C PRO A 191 11.17 -32.22 -9.48
N MET A 192 11.78 -31.94 -8.35
CA MET A 192 11.32 -32.40 -7.06
C MET A 192 10.77 -31.21 -6.30
N ASN A 193 9.46 -31.07 -6.27
CA ASN A 193 8.85 -30.02 -5.47
C ASN A 193 7.38 -30.36 -5.19
N LEU A 194 6.78 -29.66 -4.24
CA LEU A 194 5.43 -29.98 -3.80
C LEU A 194 4.39 -29.97 -4.92
N SER A 195 4.57 -29.12 -5.93
CA SER A 195 3.56 -28.94 -6.97
C SER A 195 3.60 -30.10 -7.90
N THR A 196 4.81 -30.42 -8.36
CA THR A 196 4.99 -31.47 -9.32
C THR A 196 4.70 -32.79 -8.65
N HIS A 197 5.07 -32.93 -7.39
CA HIS A 197 4.85 -34.17 -6.66
C HIS A 197 3.34 -34.46 -6.46
N ARG A 198 2.56 -33.42 -6.17
CA ARG A 198 1.12 -33.56 -6.02
C ARG A 198 0.51 -33.99 -7.35
N MET A 199 0.91 -33.35 -8.44
CA MET A 199 0.37 -33.64 -9.75
C MET A 199 0.67 -35.08 -10.14
N LEU A 200 1.90 -35.52 -9.86
CA LEU A 200 2.31 -36.89 -10.16
C LEU A 200 1.52 -37.89 -9.34
N LYS A 201 1.31 -37.61 -8.06
CA LYS A 201 0.48 -38.49 -7.24
C LYS A 201 -0.94 -38.63 -7.79
N LEU A 202 -1.52 -37.54 -8.29
CA LEU A 202 -2.87 -37.58 -8.87
C LEU A 202 -2.88 -38.34 -10.20
N LEU A 203 -1.87 -38.12 -11.03
CA LEU A 203 -1.79 -38.84 -12.29
C LEU A 203 -1.69 -40.34 -12.04
N LEU A 204 -0.85 -40.70 -11.08
CA LEU A 204 -0.54 -42.10 -10.83
C LEU A 204 -1.69 -42.84 -10.17
N VAL A 205 -2.31 -42.22 -9.17
CA VAL A 205 -3.43 -42.85 -8.50
C VAL A 205 -4.59 -43.05 -9.49
N THR A 206 -4.78 -42.09 -10.40
CA THR A 206 -5.81 -42.21 -11.41
C THR A 206 -5.45 -43.41 -12.28
N ASN A 207 -4.17 -43.50 -12.65
CA ASN A 207 -3.70 -44.58 -13.51
C ASN A 207 -3.83 -45.97 -12.85
N LEU A 208 -3.68 -46.05 -11.54
CA LEU A 208 -3.84 -47.31 -10.80
C LEU A 208 -5.23 -47.91 -10.95
N TYR A 209 -6.28 -47.08 -10.87
CA TYR A 209 -7.64 -47.60 -11.06
C TYR A 209 -7.79 -48.18 -12.46
N ARG A 210 -7.13 -47.57 -13.44
CA ARG A 210 -7.23 -48.08 -14.81
C ARG A 210 -6.46 -49.40 -14.91
N ILE A 211 -5.25 -49.37 -14.38
CA ILE A 211 -4.36 -50.50 -14.43
C ILE A 211 -4.94 -51.71 -13.69
N LYS A 212 -5.58 -51.49 -12.53
CA LYS A 212 -6.12 -52.59 -11.76
C LYS A 212 -7.10 -53.44 -12.57
N PHE A 213 -7.83 -52.83 -13.50
CA PHE A 213 -8.84 -53.52 -14.29
C PHE A 213 -8.39 -53.72 -15.72
N GLY A 214 -7.09 -53.64 -15.98
CA GLY A 214 -6.53 -54.00 -17.30
C GLY A 214 -6.73 -52.98 -18.41
N HIS A 215 -7.05 -51.73 -18.07
CA HIS A 215 -7.18 -50.66 -19.07
C HIS A 215 -5.82 -49.97 -19.26
N PHE A 216 -5.18 -50.26 -20.40
CA PHE A 216 -3.79 -49.93 -20.62
C PHE A 216 -3.66 -48.96 -21.77
N MET A 217 -2.60 -48.17 -21.70
CA MET A 217 -2.23 -47.25 -22.75
C MET A 217 -1.33 -47.98 -23.76
N GLU A 218 -1.48 -47.66 -25.03
CA GLU A 218 -0.57 -48.19 -26.06
C GLU A 218 0.76 -47.44 -25.99
N VAL A 219 1.85 -48.19 -25.91
CA VAL A 219 3.20 -47.61 -25.92
C VAL A 219 3.89 -47.95 -27.25
N PHE A 231 15.86 -49.53 -15.03
CA PHE A 231 16.60 -49.21 -13.80
C PHE A 231 15.75 -49.41 -12.54
N LEU A 232 14.46 -49.07 -12.64
CA LEU A 232 13.58 -49.11 -11.48
C LEU A 232 13.39 -50.51 -10.90
N MET A 233 13.41 -51.51 -11.79
CA MET A 233 13.24 -52.90 -11.37
C MET A 233 14.42 -53.42 -10.52
N GLN A 234 15.60 -52.80 -10.64
CA GLN A 234 16.74 -53.13 -9.76
C GLN A 234 17.34 -51.91 -9.06
N ALA A 235 16.48 -51.01 -8.58
CA ALA A 235 16.90 -49.97 -7.64
C ALA A 235 16.73 -50.52 -6.22
N GLU A 236 17.55 -50.05 -5.28
CA GLU A 236 17.47 -50.53 -3.89
C GLU A 236 16.30 -49.86 -3.17
N GLY A 237 15.49 -50.68 -2.51
CA GLY A 237 14.23 -50.23 -1.91
C GLY A 237 13.03 -50.77 -2.68
N ILE A 238 13.24 -51.06 -3.97
CA ILE A 238 12.19 -51.52 -4.90
C ILE A 238 11.26 -52.59 -4.31
N GLU A 239 11.82 -53.56 -3.57
CA GLU A 239 11.02 -54.64 -3.01
C GLU A 239 10.14 -54.17 -1.86
N GLY A 240 10.60 -53.13 -1.15
CA GLY A 240 9.77 -52.49 -0.13
C GLY A 240 8.56 -51.82 -0.77
N VAL A 241 8.78 -51.15 -1.90
CA VAL A 241 7.70 -50.54 -2.66
C VAL A 241 6.80 -51.62 -3.26
N ALA A 242 7.41 -52.59 -3.94
CA ALA A 242 6.70 -53.74 -4.49
C ALA A 242 5.83 -54.45 -3.45
N GLN A 243 6.33 -54.52 -2.21
CA GLN A 243 5.55 -55.08 -1.11
C GLN A 243 4.34 -54.18 -0.80
N SER A 244 4.57 -52.87 -0.69
CA SER A 244 3.48 -51.93 -0.41
C SER A 244 2.37 -52.11 -1.43
N PHE A 245 2.72 -52.07 -2.71
CA PHE A 245 1.76 -52.23 -3.79
C PHE A 245 0.90 -53.49 -3.65
N GLU A 246 1.52 -54.58 -3.21
CA GLU A 246 0.82 -55.85 -3.02
C GLU A 246 -0.07 -55.75 -1.79
N SER A 247 0.51 -55.31 -0.68
CA SER A 247 -0.21 -55.15 0.57
C SER A 247 -1.35 -54.12 0.47
N GLU A 248 -0.99 -52.88 0.14
CA GLU A 248 -1.94 -51.76 0.10
C GLU A 248 -2.93 -51.76 -1.08
N TYR A 249 -2.44 -52.05 -2.28
CA TYR A 249 -3.26 -51.92 -3.49
C TYR A 249 -3.69 -53.27 -4.07
N ASN A 250 -3.07 -54.35 -3.60
CA ASN A 250 -3.25 -55.65 -4.24
C ASN A 250 -2.85 -55.66 -5.69
N ILE A 251 -1.78 -54.93 -6.01
CA ILE A 251 -1.27 -54.88 -7.37
C ILE A 251 0.18 -55.38 -7.34
N SER A 252 0.57 -56.06 -8.42
CA SER A 252 1.87 -56.68 -8.52
C SER A 252 2.81 -55.76 -9.30
N LEU A 253 3.75 -55.13 -8.61
CA LEU A 253 4.59 -54.10 -9.22
C LEU A 253 5.67 -54.68 -10.14
N ASP A 254 5.38 -54.70 -11.44
CA ASP A 254 6.31 -55.25 -12.43
C ASP A 254 6.54 -54.22 -13.54
N GLU A 255 7.35 -54.61 -14.52
CA GLU A 255 7.67 -53.74 -15.66
C GLU A 255 6.44 -53.17 -16.41
N GLU A 256 5.39 -53.99 -16.57
CA GLU A 256 4.19 -53.54 -17.29
C GLU A 256 3.46 -52.43 -16.51
N VAL A 257 3.38 -52.59 -15.20
CA VAL A 257 2.77 -51.61 -14.31
C VAL A 257 3.54 -50.29 -14.39
N VAL A 258 4.84 -50.36 -14.09
CA VAL A 258 5.71 -49.19 -14.16
C VAL A 258 5.53 -48.46 -15.49
N CYS A 259 5.58 -49.19 -16.59
CA CYS A 259 5.37 -48.55 -17.89
C CYS A 259 3.98 -47.88 -18.01
N GLN A 260 2.94 -48.54 -17.49
CA GLN A 260 1.58 -47.98 -17.54
C GLN A 260 1.41 -46.76 -16.65
N LEU A 261 2.06 -46.74 -15.49
CA LEU A 261 2.05 -45.59 -14.60
C LEU A 261 2.67 -44.35 -15.22
N PHE A 262 3.79 -44.52 -15.92
CA PHE A 262 4.57 -43.39 -16.44
C PHE A 262 4.56 -43.27 -17.97
N VAL A 263 3.56 -43.86 -18.64
CA VAL A 263 3.56 -43.94 -20.10
C VAL A 263 3.87 -42.61 -20.83
N SER A 264 3.45 -41.48 -20.26
CA SER A 264 3.55 -40.19 -20.94
C SER A 264 5.00 -39.73 -21.17
N TYR A 265 5.91 -40.21 -20.35
CA TYR A 265 7.30 -39.81 -20.41
C TYR A 265 8.10 -40.72 -21.33
N PHE A 266 7.40 -41.58 -22.08
CA PHE A 266 7.98 -42.31 -23.19
C PHE A 266 7.60 -41.73 -24.56
N GLN A 267 6.77 -40.69 -24.59
CA GLN A 267 6.53 -39.91 -25.83
C GLN A 267 7.84 -39.67 -26.58
N LYS A 268 7.85 -39.88 -27.89
CA LYS A 268 9.11 -39.83 -28.64
C LYS A 268 9.78 -38.44 -28.57
N MET A 269 8.98 -37.40 -28.81
CA MET A 269 9.47 -36.03 -28.80
C MET A 269 9.46 -35.38 -27.42
N PHE A 270 9.18 -36.13 -26.38
CA PHE A 270 9.49 -35.64 -25.03
C PHE A 270 10.92 -36.06 -24.71
N PHE A 271 11.74 -35.12 -24.25
CA PHE A 271 13.16 -35.40 -23.94
C PHE A 271 13.37 -35.15 -22.47
N ILE A 272 13.41 -36.23 -21.69
CA ILE A 272 13.69 -36.13 -20.25
C ILE A 272 15.09 -35.54 -20.01
N ASP A 273 16.00 -35.79 -20.94
CA ASP A 273 17.37 -35.31 -20.81
C ASP A 273 17.63 -34.11 -21.72
N GLU A 274 18.00 -32.98 -21.12
CA GLU A 274 18.32 -31.77 -21.87
C GLU A 274 19.49 -31.93 -22.84
N SER A 275 20.57 -32.55 -22.40
CA SER A 275 21.74 -32.68 -23.25
C SER A 275 21.43 -33.54 -24.48
N LEU A 276 20.56 -34.54 -24.32
CA LEU A 276 20.14 -35.39 -25.45
C LEU A 276 19.27 -34.63 -26.45
N PHE A 277 18.47 -33.69 -25.94
CA PHE A 277 17.67 -32.83 -26.79
C PHE A 277 18.60 -32.03 -27.67
N MET A 278 19.59 -31.38 -27.06
CA MET A 278 20.57 -30.59 -27.80
C MET A 278 21.38 -31.43 -28.79
N LYS A 279 21.58 -32.71 -28.50
CA LYS A 279 22.23 -33.58 -29.49
C LYS A 279 21.29 -33.87 -30.63
N CYS A 280 20.02 -34.13 -30.33
CA CYS A 280 19.04 -34.41 -31.38
C CYS A 280 18.81 -33.22 -32.30
N VAL A 281 18.98 -32.02 -31.80
CA VAL A 281 18.88 -30.80 -32.60
C VAL A 281 19.82 -30.84 -33.79
N LYS A 282 20.98 -31.47 -33.61
CA LYS A 282 22.00 -31.56 -34.67
C LYS A 282 21.77 -32.69 -35.64
N LYS A 283 21.05 -33.74 -35.23
CA LYS A 283 20.85 -34.93 -36.06
C LYS A 283 19.46 -35.03 -36.70
N ASP A 284 18.45 -34.48 -36.04
CA ASP A 284 17.07 -34.79 -36.38
C ASP A 284 16.40 -33.53 -36.91
N SER A 285 15.87 -33.59 -38.13
CA SER A 285 15.46 -32.35 -38.81
C SER A 285 14.12 -31.80 -38.27
N TYR A 286 13.33 -32.63 -37.62
CA TYR A 286 12.11 -32.18 -36.96
C TYR A 286 12.50 -31.38 -35.72
N VAL A 287 13.48 -31.92 -35.00
CA VAL A 287 13.89 -31.33 -33.75
C VAL A 287 14.62 -30.06 -34.04
N GLU A 288 15.43 -30.07 -35.10
CA GLU A 288 16.14 -28.86 -35.54
C GLU A 288 15.13 -27.74 -35.82
N LYS A 289 14.03 -28.09 -36.47
CA LYS A 289 13.01 -27.13 -36.84
C LYS A 289 12.31 -26.55 -35.61
N SER A 290 11.97 -27.40 -34.63
CA SER A 290 11.37 -26.96 -33.37
C SER A 290 12.30 -25.98 -32.69
N TYR A 291 13.58 -26.37 -32.59
CA TYR A 291 14.60 -25.56 -32.00
C TYR A 291 14.73 -24.21 -32.72
N HIS A 292 14.86 -24.24 -34.03
CA HIS A 292 14.98 -23.02 -34.80
C HIS A 292 13.80 -22.05 -34.59
N LEU A 293 12.57 -22.55 -34.67
CA LEU A 293 11.41 -21.70 -34.46
C LEU A 293 11.42 -21.08 -33.06
N LEU A 294 11.73 -21.89 -32.05
CA LEU A 294 11.75 -21.38 -30.67
C LEU A 294 12.89 -20.41 -30.45
N SER A 295 14.02 -20.67 -31.09
CA SER A 295 15.15 -19.78 -31.00
C SER A 295 14.87 -18.41 -31.63
N ASP A 296 14.26 -18.41 -32.81
CA ASP A 296 13.86 -17.15 -33.47
C ASP A 296 12.75 -16.40 -32.70
N PHE A 297 11.80 -17.12 -32.11
CA PHE A 297 10.81 -16.52 -31.23
C PHE A 297 11.47 -15.79 -30.04
N ILE A 298 12.33 -16.50 -29.34
CA ILE A 298 12.97 -15.95 -28.18
C ILE A 298 13.82 -14.72 -28.52
N ASP A 299 14.64 -14.80 -29.57
CA ASP A 299 15.45 -13.67 -30.00
C ASP A 299 14.59 -12.46 -30.39
N GLN A 300 13.51 -12.73 -31.12
CA GLN A 300 12.57 -11.71 -31.58
C GLN A 300 11.93 -10.95 -30.41
N ILE A 301 11.41 -11.71 -29.45
CA ILE A 301 10.82 -11.13 -28.25
C ILE A 301 11.88 -10.44 -27.38
N SER A 302 13.03 -11.06 -27.21
CA SER A 302 14.12 -10.46 -26.45
CA SER A 302 14.16 -10.49 -26.47
C SER A 302 14.56 -9.12 -27.00
N VAL A 303 14.79 -9.02 -28.31
CA VAL A 303 15.20 -7.76 -28.89
C VAL A 303 14.04 -6.77 -28.80
N LYS A 304 12.81 -7.19 -29.07
CA LYS A 304 11.72 -6.22 -29.16
C LYS A 304 11.37 -5.60 -27.79
N TYR A 305 11.38 -6.38 -26.73
CA TYR A 305 11.06 -5.92 -25.38
C TYR A 305 12.31 -5.68 -24.52
N GLN A 306 13.50 -5.84 -25.13
CA GLN A 306 14.80 -5.68 -24.47
CA GLN A 306 14.76 -5.62 -24.43
C GLN A 306 14.80 -6.46 -23.16
N ILE A 307 14.58 -7.75 -23.31
CA ILE A 307 14.61 -8.70 -22.23
C ILE A 307 15.89 -9.49 -22.39
N GLU A 308 16.74 -9.48 -21.38
CA GLU A 308 17.97 -10.22 -21.44
C GLU A 308 17.61 -11.59 -20.88
N ILE A 309 17.93 -12.65 -21.61
CA ILE A 309 17.54 -14.00 -21.22
C ILE A 309 18.77 -14.83 -20.85
N GLU A 310 18.65 -15.60 -19.80
CA GLU A 310 19.79 -16.15 -19.11
C GLU A 310 20.25 -17.47 -19.73
N ASN A 311 19.30 -18.38 -19.96
CA ASN A 311 19.64 -19.71 -20.43
C ASN A 311 18.66 -20.15 -21.53
N LYS A 312 18.84 -19.51 -22.67
CA LYS A 312 18.07 -19.74 -23.87
C LYS A 312 17.77 -21.20 -24.13
N ASP A 313 18.83 -22.00 -24.22
CA ASP A 313 18.67 -23.37 -24.66
C ASP A 313 17.86 -24.19 -23.68
N ASN A 314 18.01 -23.92 -22.39
CA ASN A 314 17.21 -24.62 -21.40
C ASN A 314 15.72 -24.26 -21.58
N LEU A 315 15.45 -22.98 -21.81
CA LEU A 315 14.08 -22.53 -22.07
C LEU A 315 13.50 -23.20 -23.30
N ILE A 316 14.31 -23.30 -24.37
CA ILE A 316 13.86 -23.92 -25.62
C ILE A 316 13.47 -25.37 -25.38
N TRP A 317 14.35 -26.10 -24.68
CA TRP A 317 14.09 -27.48 -24.27
C TRP A 317 12.74 -27.60 -23.57
N HIS A 318 12.52 -26.75 -22.57
CA HIS A 318 11.25 -26.77 -21.81
C HIS A 318 10.07 -26.48 -22.70
N LEU A 319 10.19 -25.53 -23.62
CA LEU A 319 9.04 -25.19 -24.48
C LEU A 319 8.76 -26.30 -25.43
N HIS A 320 9.83 -26.86 -26.01
CA HIS A 320 9.69 -27.97 -26.93
C HIS A 320 8.94 -29.10 -26.21
N ASN A 321 9.41 -29.49 -25.03
CA ASN A 321 8.81 -30.61 -24.31
C ASN A 321 7.36 -30.34 -23.99
N THR A 322 7.08 -29.16 -23.46
CA THR A 322 5.71 -28.80 -23.10
C THR A 322 4.79 -28.93 -24.32
N ALA A 323 5.28 -28.49 -25.48
CA ALA A 323 4.46 -28.48 -26.71
C ALA A 323 4.23 -29.86 -27.29
N HIS A 324 5.05 -30.84 -26.89
CA HIS A 324 4.95 -32.17 -27.47
C HIS A 324 4.22 -33.19 -26.57
N LEU A 325 3.77 -32.71 -25.41
CA LEU A 325 2.83 -33.42 -24.56
C LEU A 325 1.42 -32.96 -24.89
N TYR A 326 0.49 -33.88 -24.83
CA TYR A 326 -0.90 -33.59 -25.11
C TYR A 326 -1.75 -34.42 -24.14
N ARG A 327 -2.57 -33.74 -23.34
CA ARG A 327 -3.38 -34.40 -22.31
C ARG A 327 -2.54 -35.34 -21.46
N GLN A 328 -1.33 -34.87 -21.14
CA GLN A 328 -0.41 -35.57 -20.25
C GLN A 328 0.06 -34.73 -19.08
N GLU A 329 -0.04 -33.41 -19.16
CA GLU A 329 0.28 -32.53 -18.05
C GLU A 329 -1.02 -31.89 -17.64
N LEU A 330 -1.26 -31.83 -16.33
CA LEU A 330 -2.48 -31.24 -15.80
C LEU A 330 -2.42 -29.72 -15.91
N PHE A 331 -3.55 -29.04 -15.71
CA PHE A 331 -3.64 -27.58 -15.83
C PHE A 331 -3.32 -27.09 -17.23
N THR A 332 -3.64 -27.92 -18.23
CA THR A 332 -3.61 -27.52 -19.59
C THR A 332 -5.06 -27.37 -20.02
N GLU A 333 -5.73 -28.50 -20.23
CA GLU A 333 -7.17 -28.49 -20.40
C GLU A 333 -7.85 -28.57 -19.03
N PHE A 334 -8.98 -27.89 -18.91
CA PHE A 334 -9.74 -27.81 -17.66
C PHE A 334 -11.14 -28.49 -17.76
N ILE A 335 -11.73 -28.80 -16.60
CA ILE A 335 -13.08 -29.36 -16.50
C ILE A 335 -14.07 -28.25 -16.29
N LEU A 336 -13.95 -27.57 -15.14
CA LEU A 336 -14.73 -26.37 -14.84
C LEU A 336 -13.87 -25.11 -14.67
N PHE A 337 -12.70 -25.27 -14.07
CA PHE A 337 -11.91 -24.14 -13.58
C PHE A 337 -10.68 -23.97 -14.48
N ASP A 338 -10.74 -22.99 -15.37
CA ASP A 338 -9.60 -22.69 -16.27
C ASP A 338 -8.59 -21.86 -15.51
N GLN A 339 -7.94 -22.48 -14.54
CA GLN A 339 -7.04 -21.74 -13.65
C GLN A 339 -5.82 -21.23 -14.44
N LYS A 340 -5.24 -22.08 -15.28
CA LYS A 340 -4.12 -21.69 -16.13
C LYS A 340 -4.46 -20.49 -17.00
N GLY A 341 -5.61 -20.55 -17.65
CA GLY A 341 -6.10 -19.45 -18.48
C GLY A 341 -6.25 -18.16 -17.69
N ASN A 342 -6.81 -18.25 -16.49
CA ASN A 342 -7.07 -17.06 -15.68
C ASN A 342 -5.75 -16.41 -15.25
N THR A 343 -4.74 -17.23 -15.01
CA THR A 343 -3.46 -16.74 -14.60
C THR A 343 -2.82 -15.94 -15.72
N ILE A 344 -2.90 -16.46 -16.94
CA ILE A 344 -2.32 -15.76 -18.05
C ILE A 344 -3.09 -14.48 -18.36
N ARG A 345 -4.43 -14.55 -18.27
CA ARG A 345 -5.26 -13.36 -18.43
C ARG A 345 -4.97 -12.24 -17.42
N ASN A 346 -4.68 -12.58 -16.19
CA ASN A 346 -4.32 -11.55 -15.20
C ASN A 346 -3.01 -10.83 -15.57
N PHE A 347 -2.04 -11.59 -16.07
CA PHE A 347 -0.77 -11.02 -16.50
C PHE A 347 -0.96 -10.16 -17.75
N GLN A 348 -1.82 -10.65 -18.64
CA GLN A 348 -2.19 -9.91 -19.84
C GLN A 348 -2.91 -8.60 -19.54
N ASN A 349 -3.68 -8.57 -18.46
CA ASN A 349 -4.26 -7.29 -18.00
C ASN A 349 -3.20 -6.25 -17.66
N ILE A 350 -2.05 -6.67 -17.17
CA ILE A 350 -0.96 -5.75 -16.91
C ILE A 350 -0.17 -5.43 -18.18
N PHE A 351 0.12 -6.47 -18.97
CA PHE A 351 1.00 -6.33 -20.11
C PHE A 351 0.33 -6.88 -21.37
N PRO A 352 -0.71 -6.19 -21.89
CA PRO A 352 -1.51 -6.75 -22.99
C PRO A 352 -0.76 -6.97 -24.27
N LYS A 353 0.10 -6.02 -24.64
CA LYS A 353 0.78 -6.11 -25.92
C LYS A 353 1.84 -7.24 -25.88
N PHE A 354 2.59 -7.30 -24.78
CA PHE A 354 3.58 -8.34 -24.59
C PHE A 354 2.95 -9.74 -24.66
N VAL A 355 1.86 -9.93 -23.93
CA VAL A 355 1.22 -11.23 -23.90
C VAL A 355 0.61 -11.59 -25.27
N SER A 356 -0.02 -10.62 -25.91
CA SER A 356 -0.55 -10.83 -27.25
C SER A 356 0.56 -11.22 -28.23
N ASP A 357 1.72 -10.58 -28.17
CA ASP A 357 2.86 -10.96 -28.99
C ASP A 357 3.37 -12.38 -28.73
N VAL A 358 3.48 -12.79 -27.48
CA VAL A 358 3.95 -14.12 -27.25
C VAL A 358 2.93 -15.16 -27.69
N LYS A 359 1.64 -14.88 -27.51
CA LYS A 359 0.62 -15.83 -27.89
C LYS A 359 0.64 -16.06 -29.39
N LYS A 360 0.81 -14.99 -30.15
CA LYS A 360 0.88 -15.11 -31.61
C LYS A 360 2.12 -15.87 -32.06
N GLU A 361 3.28 -15.63 -31.43
CA GLU A 361 4.52 -16.34 -31.82
C GLU A 361 4.36 -17.80 -31.48
N LEU A 362 3.83 -18.10 -30.30
CA LEU A 362 3.73 -19.50 -29.90
C LEU A 362 2.66 -20.25 -30.67
N SER A 363 1.56 -19.58 -30.96
CA SER A 363 0.58 -20.10 -31.86
C SER A 363 1.16 -20.43 -33.25
N HIS A 364 1.94 -19.52 -33.83
CA HIS A 364 2.65 -19.83 -35.06
C HIS A 364 3.59 -21.04 -34.91
N TYR A 365 4.30 -21.15 -33.78
CA TYR A 365 5.17 -22.31 -33.53
C TYR A 365 4.34 -23.61 -33.59
N LEU A 366 3.25 -23.66 -32.84
CA LEU A 366 2.44 -24.88 -32.76
C LEU A 366 1.86 -25.24 -34.13
N GLU A 367 1.33 -24.26 -34.83
CA GLU A 367 0.75 -24.49 -36.15
C GLU A 367 1.78 -24.91 -37.18
N THR A 368 2.98 -24.35 -37.12
CA THR A 368 4.00 -24.68 -38.09
C THR A 368 4.46 -26.14 -37.91
N LEU A 369 4.65 -26.57 -36.66
CA LEU A 369 4.95 -27.98 -36.39
C LEU A 369 3.76 -28.94 -36.53
N GLU A 370 2.55 -28.39 -36.63
CA GLU A 370 1.32 -29.17 -36.69
C GLU A 370 1.06 -30.00 -35.44
N VAL A 371 1.39 -29.44 -34.29
CA VAL A 371 0.97 -30.01 -33.02
C VAL A 371 -0.28 -29.28 -32.57
N CYS A 372 -0.85 -29.69 -31.43
CA CYS A 372 -2.06 -29.05 -30.92
C CYS A 372 -1.84 -27.54 -30.79
N SER A 373 -2.70 -26.74 -31.39
CA SER A 373 -2.57 -25.29 -31.35
C SER A 373 -3.78 -24.61 -30.76
N SER A 374 -4.49 -25.33 -29.89
CA SER A 374 -5.64 -24.79 -29.22
C SER A 374 -5.21 -23.67 -28.27
N SER A 375 -6.19 -22.87 -27.89
CA SER A 375 -5.93 -21.75 -27.01
C SER A 375 -5.45 -22.28 -25.66
N MET A 376 -5.93 -23.45 -25.21
CA MET A 376 -5.44 -24.03 -23.96
C MET A 376 -3.91 -24.27 -24.01
N MET A 377 -3.40 -24.76 -25.14
CA MET A 377 -1.98 -25.00 -25.28
C MET A 377 -1.23 -23.68 -25.49
N VAL A 378 -1.82 -22.72 -26.19
CA VAL A 378 -1.19 -21.43 -26.38
C VAL A 378 -1.02 -20.76 -25.01
N ASN A 379 -2.06 -20.82 -24.18
CA ASN A 379 -2.02 -20.23 -22.86
C ASN A 379 -0.96 -20.87 -21.95
N HIS A 380 -0.92 -22.19 -21.96
CA HIS A 380 0.03 -22.94 -21.18
C HIS A 380 1.48 -22.71 -21.57
N LEU A 381 1.72 -22.71 -22.86
CA LEU A 381 3.04 -22.43 -23.40
C LEU A 381 3.50 -21.00 -23.12
N SER A 382 2.59 -20.03 -23.24
CA SER A 382 2.90 -18.65 -22.93
C SER A 382 3.23 -18.49 -21.46
N TYR A 383 2.41 -19.13 -20.61
CA TYR A 383 2.62 -19.18 -19.17
C TYR A 383 4.00 -19.75 -18.88
N THR A 384 4.39 -20.78 -19.61
CA THR A 384 5.67 -21.45 -19.41
C THR A 384 6.84 -20.47 -19.72
N PHE A 385 6.75 -19.79 -20.86
CA PHE A 385 7.73 -18.80 -21.25
C PHE A 385 7.87 -17.71 -20.18
N ILE A 386 6.73 -17.21 -19.72
CA ILE A 386 6.71 -16.14 -18.73
C ILE A 386 7.36 -16.52 -17.43
N THR A 387 6.95 -17.65 -16.87
CA THR A 387 7.42 -18.05 -15.57
C THR A 387 8.84 -18.60 -15.59
N HIS A 388 9.37 -18.92 -16.75
CA HIS A 388 10.76 -19.31 -16.82
C HIS A 388 11.67 -18.10 -17.05
N THR A 389 11.12 -16.89 -17.19
CA THR A 389 11.93 -15.77 -17.60
C THR A 389 12.25 -14.93 -16.38
N LYS A 390 13.56 -14.73 -16.15
CA LYS A 390 14.10 -13.96 -15.03
C LYS A 390 13.91 -12.47 -15.22
N HIS A 391 13.66 -11.81 -14.10
CA HIS A 391 13.45 -10.36 -14.05
C HIS A 391 12.53 -9.81 -15.12
N LEU A 392 11.51 -10.59 -15.47
CA LEU A 392 10.67 -10.22 -16.59
C LEU A 392 9.97 -8.93 -16.29
N VAL A 393 9.33 -8.84 -15.13
CA VAL A 393 8.59 -7.59 -14.80
C VAL A 393 9.52 -6.37 -14.74
N ILE A 394 10.71 -6.50 -14.14
CA ILE A 394 11.72 -5.38 -14.21
C ILE A 394 11.89 -4.92 -15.67
N ASN A 395 12.11 -5.86 -16.59
CA ASN A 395 12.45 -5.46 -17.97
C ASN A 395 11.28 -4.84 -18.63
N LEU A 396 10.10 -5.36 -18.35
CA LEU A 396 8.96 -4.78 -19.00
C LEU A 396 8.73 -3.36 -18.54
N LEU A 397 9.16 -3.00 -17.34
CA LEU A 397 8.87 -1.66 -16.80
C LEU A 397 10.08 -0.69 -16.94
N GLN A 398 11.09 -1.07 -17.72
CA GLN A 398 12.39 -0.39 -17.71
C GLN A 398 12.35 1.00 -18.33
N ASN A 399 11.37 1.25 -19.19
CA ASN A 399 11.24 2.57 -19.80
C ASN A 399 10.42 3.52 -18.93
N GLN A 400 10.19 3.16 -17.66
CA GLN A 400 9.27 3.91 -16.82
C GLN A 400 10.06 4.79 -15.90
N PRO A 401 10.03 6.09 -16.15
CA PRO A 401 10.83 6.99 -15.31
C PRO A 401 10.35 6.91 -13.85
N LYS A 402 11.27 7.16 -12.92
CA LYS A 402 10.93 7.25 -11.51
C LYS A 402 9.93 8.36 -11.26
N LEU A 403 9.07 8.17 -10.26
CA LEU A 403 8.09 9.18 -9.86
C LEU A 403 8.76 10.17 -8.91
N LYS A 404 8.69 11.46 -9.23
CA LYS A 404 9.34 12.49 -8.43
C LYS A 404 8.36 12.99 -7.36
N VAL A 405 8.82 13.01 -6.11
CA VAL A 405 7.98 13.34 -4.98
C VAL A 405 8.65 14.49 -4.25
N LEU A 406 7.94 15.60 -4.13
CA LEU A 406 8.40 16.77 -3.40
C LEU A 406 7.84 16.70 -1.99
N VAL A 407 8.66 16.98 -0.99
CA VAL A 407 8.15 17.06 0.39
C VAL A 407 8.45 18.44 0.97
N MET A 408 7.43 19.10 1.50
CA MET A 408 7.60 20.40 2.17
C MET A 408 6.89 20.47 3.54
N SER A 409 7.42 21.30 4.43
CA SER A 409 6.84 21.51 5.75
C SER A 409 6.66 23.01 5.96
N ASN A 410 5.58 23.44 6.61
CA ASN A 410 5.54 24.88 6.96
C ASN A 410 6.36 25.23 8.21
N PHE A 411 6.89 24.22 8.91
CA PHE A 411 7.71 24.47 10.11
C PHE A 411 9.15 24.80 9.77
N ASP A 412 9.85 23.88 9.13
CA ASP A 412 11.23 24.08 8.80
C ASP A 412 11.65 22.94 7.87
N GLN A 413 12.86 23.01 7.37
CA GLN A 413 13.35 22.04 6.41
C GLN A 413 13.86 20.76 7.11
N TYR A 414 14.15 20.81 8.39
CA TYR A 414 14.53 19.56 9.06
C TYR A 414 13.35 18.61 9.01
N HIS A 415 12.15 19.15 9.19
CA HIS A 415 10.94 18.36 9.12
C HIS A 415 10.79 17.72 7.73
N ALA A 416 10.90 18.52 6.68
CA ALA A 416 10.70 18.01 5.34
C ALA A 416 11.73 16.93 5.04
N LYS A 417 12.97 17.15 5.47
CA LYS A 417 14.03 16.15 5.27
C LYS A 417 13.85 14.91 6.06
N PHE A 418 13.37 15.06 7.28
CA PHE A 418 13.07 13.90 8.12
C PHE A 418 12.03 13.01 7.43
N VAL A 419 10.95 13.63 6.96
CA VAL A 419 9.91 12.90 6.27
C VAL A 419 10.43 12.30 4.97
N ALA A 420 11.09 13.09 4.15
CA ALA A 420 11.62 12.65 2.86
C ALA A 420 12.54 11.45 3.00
N GLU A 421 13.41 11.48 3.99
CA GLU A 421 14.33 10.38 4.25
C GLU A 421 13.65 9.12 4.73
N THR A 422 12.67 9.31 5.61
CA THR A 422 11.93 8.20 6.10
C THR A 422 11.18 7.51 4.93
N LEU A 423 10.50 8.29 4.10
CA LEU A 423 9.74 7.74 2.99
C LEU A 423 10.67 7.12 1.95
N SER A 424 11.80 7.78 1.68
CA SER A 424 12.74 7.26 0.72
C SER A 424 13.20 5.88 1.16
N TYR A 425 13.49 5.71 2.45
CA TYR A 425 13.83 4.40 2.98
C TYR A 425 12.70 3.36 2.93
N TYR A 426 11.53 3.70 3.44
CA TYR A 426 10.48 2.67 3.54
C TYR A 426 9.63 2.47 2.27
N CYS A 427 9.44 3.48 1.45
CA CYS A 427 8.60 3.35 0.26
C CYS A 427 9.38 2.82 -0.94
N SER A 428 8.64 2.32 -1.93
CA SER A 428 9.25 1.84 -3.18
C SER A 428 10.31 2.79 -3.73
N ASN A 429 11.37 2.19 -4.27
CA ASN A 429 12.38 2.91 -5.05
C ASN A 429 11.92 3.33 -6.45
N ASN A 430 10.66 3.08 -6.79
CA ASN A 430 10.04 3.81 -7.89
C ASN A 430 10.02 5.33 -7.64
N PHE A 431 10.07 5.75 -6.37
CA PHE A 431 9.93 7.17 -6.05
C PHE A 431 11.31 7.76 -5.88
N GLU A 432 11.42 9.04 -6.21
CA GLU A 432 12.60 9.84 -5.86
C GLU A 432 12.09 11.01 -5.04
N LEU A 433 12.50 11.05 -3.78
CA LEU A 433 12.07 12.09 -2.84
C LEU A 433 13.05 13.23 -2.74
N GLU A 434 12.54 14.46 -2.76
CA GLU A 434 13.34 15.67 -2.69
C GLU A 434 12.60 16.70 -1.87
N VAL A 435 13.35 17.70 -1.40
CA VAL A 435 12.80 18.87 -0.75
C VAL A 435 12.92 20.07 -1.70
N TRP A 436 12.19 21.16 -1.40
CA TRP A 436 12.23 22.36 -2.22
C TRP A 436 13.46 23.12 -1.82
N THR A 437 14.27 23.47 -2.82
CA THR A 437 15.57 24.12 -2.57
C THR A 437 15.58 25.64 -2.78
N GLU A 438 14.59 26.20 -3.46
CA GLU A 438 14.51 27.66 -3.61
C GLU A 438 13.95 28.33 -2.36
N LEU A 439 14.19 29.63 -2.29
CA LEU A 439 13.81 30.45 -1.17
C LEU A 439 12.32 30.72 -1.22
N GLU A 440 11.79 30.89 -2.42
CA GLU A 440 10.42 31.28 -2.61
C GLU A 440 9.63 30.10 -3.18
N LEU A 441 8.32 30.15 -2.98
CA LEU A 441 7.42 29.17 -3.54
C LEU A 441 6.25 29.94 -4.11
N SER A 442 5.67 29.42 -5.16
CA SER A 442 4.49 30.06 -5.74
C SER A 442 3.76 29.01 -6.50
N LYS A 443 2.49 29.26 -6.76
CA LYS A 443 1.72 28.34 -7.54
C LYS A 443 2.44 28.07 -8.87
N GLU A 444 3.06 29.13 -9.40
CA GLU A 444 3.66 29.09 -10.73
C GLU A 444 4.90 28.20 -10.74
N SER A 445 5.83 28.41 -9.80
CA SER A 445 7.02 27.58 -9.77
C SER A 445 6.71 26.11 -9.41
N LEU A 446 5.60 25.87 -8.71
CA LEU A 446 5.15 24.49 -8.51
C LEU A 446 4.61 23.87 -9.80
N GLU A 447 3.82 24.65 -10.56
CA GLU A 447 3.32 24.20 -11.85
C GLU A 447 4.45 23.85 -12.82
N ASP A 448 5.50 24.66 -12.86
CA ASP A 448 6.59 24.43 -13.78
C ASP A 448 7.64 23.41 -13.26
N SER A 449 7.41 22.83 -12.07
CA SER A 449 8.33 21.88 -11.48
C SER A 449 8.04 20.52 -12.09
N PRO A 450 9.02 19.62 -12.07
CA PRO A 450 8.84 18.26 -12.61
C PRO A 450 8.14 17.20 -11.68
N TYR A 451 7.55 17.59 -10.55
CA TYR A 451 7.06 16.61 -9.58
C TYR A 451 5.79 15.93 -10.02
N ASP A 452 5.69 14.63 -9.76
CA ASP A 452 4.46 13.87 -9.97
C ASP A 452 3.60 13.91 -8.71
N ILE A 453 4.23 13.95 -7.55
CA ILE A 453 3.54 13.92 -6.27
C ILE A 453 4.12 15.00 -5.38
N ILE A 454 3.26 15.69 -4.64
CA ILE A 454 3.70 16.72 -3.69
C ILE A 454 3.08 16.42 -2.32
N ILE A 455 3.94 16.31 -1.29
CA ILE A 455 3.52 15.99 0.06
C ILE A 455 3.80 17.22 0.89
N SER A 456 2.78 17.78 1.50
CA SER A 456 3.00 18.92 2.38
C SER A 456 2.03 18.94 3.55
N ASN A 457 2.48 19.52 4.66
CA ASN A 457 1.60 19.69 5.83
C ASN A 457 0.91 21.04 5.87
N PHE A 458 1.01 21.79 4.77
CA PHE A 458 0.21 23.01 4.58
C PHE A 458 -0.50 22.96 3.24
N ILE A 459 -1.61 23.70 3.14
CA ILE A 459 -2.45 23.64 1.96
C ILE A 459 -1.85 24.48 0.84
N ILE A 460 -1.91 23.92 -0.34
CA ILE A 460 -1.52 24.60 -1.57
C ILE A 460 -2.65 24.44 -2.58
N PRO A 461 -2.78 25.40 -3.50
CA PRO A 461 -3.77 25.27 -4.57
C PRO A 461 -3.54 23.99 -5.39
N PRO A 462 -4.60 23.47 -6.02
CA PRO A 462 -4.36 22.34 -6.92
C PRO A 462 -3.32 22.69 -7.98
N ILE A 463 -2.44 21.75 -8.31
CA ILE A 463 -1.39 21.97 -9.30
C ILE A 463 -1.62 20.94 -10.37
N GLU A 464 -1.92 21.39 -11.59
CA GLU A 464 -2.40 20.49 -12.65
C GLU A 464 -1.40 19.37 -12.91
N ASN A 465 -1.88 18.13 -12.96
CA ASN A 465 -1.03 16.96 -13.22
C ASN A 465 -0.11 16.56 -12.05
N LYS A 466 -0.37 17.09 -10.86
CA LYS A 466 0.39 16.73 -9.66
C LYS A 466 -0.57 16.11 -8.68
N ARG A 467 -0.31 14.92 -8.18
CA ARG A 467 -1.13 14.40 -7.07
C ARG A 467 -0.62 15.06 -5.78
N LEU A 468 -1.52 15.62 -4.97
CA LEU A 468 -1.17 16.27 -3.71
C LEU A 468 -1.53 15.36 -2.57
N ILE A 469 -0.61 15.21 -1.62
CA ILE A 469 -0.92 14.51 -0.37
C ILE A 469 -0.71 15.54 0.71
N TYR A 470 -1.79 15.84 1.41
CA TYR A 470 -1.81 16.74 2.54
C TYR A 470 -1.58 15.89 3.78
N SER A 471 -0.59 16.22 4.60
CA SER A 471 -0.07 15.23 5.54
C SER A 471 -0.28 15.64 6.97
N ASN A 472 -1.00 16.73 7.16
CA ASN A 472 -1.11 17.25 8.50
C ASN A 472 -1.85 16.36 9.47
N ASN A 473 -2.85 15.64 9.00
CA ASN A 473 -3.57 14.75 9.88
C ASN A 473 -3.18 13.26 9.74
N ILE A 474 -1.98 12.99 9.22
CA ILE A 474 -1.53 11.64 8.85
C ILE A 474 -0.23 11.35 9.60
N ASN A 475 -0.13 10.24 10.33
CA ASN A 475 1.16 9.88 10.87
C ASN A 475 2.09 9.32 9.79
N THR A 476 3.37 9.18 10.13
CA THR A 476 4.37 8.80 9.15
C THR A 476 4.14 7.42 8.56
N VAL A 477 3.69 6.50 9.40
CA VAL A 477 3.36 5.16 8.95
C VAL A 477 2.19 5.19 7.97
N SER A 478 1.12 5.89 8.31
CA SER A 478 0.03 6.05 7.34
C SER A 478 0.54 6.69 6.05
N LEU A 479 1.48 7.62 6.14
CA LEU A 479 1.96 8.30 4.95
C LEU A 479 2.73 7.34 4.02
N ILE A 480 3.52 6.48 4.64
CA ILE A 480 4.20 5.41 3.91
C ILE A 480 3.22 4.56 3.10
N TYR A 481 2.15 4.09 3.76
CA TYR A 481 1.14 3.27 3.09
C TYR A 481 0.52 4.01 1.94
N LEU A 482 0.18 5.26 2.17
CA LEU A 482 -0.45 6.11 1.16
C LEU A 482 0.47 6.34 -0.05
N LEU A 483 1.74 6.66 0.20
CA LEU A 483 2.63 6.89 -0.92
C LEU A 483 2.86 5.56 -1.66
N ASN A 484 3.08 4.48 -0.94
CA ASN A 484 3.29 3.19 -1.61
C ASN A 484 2.14 2.77 -2.53
N ALA A 485 0.89 3.17 -2.23
CA ALA A 485 -0.25 2.83 -3.11
C ALA A 485 -0.15 3.51 -4.46
N MET A 486 0.78 4.45 -4.62
CA MET A 486 0.92 5.16 -5.86
C MET A 486 2.13 4.68 -6.64
N MET A 487 2.77 3.60 -6.19
CA MET A 487 4.07 3.26 -6.76
C MET A 487 3.99 2.89 -8.24
N PHE A 488 2.82 2.47 -8.73
CA PHE A 488 2.70 2.12 -10.15
C PHE A 488 1.81 3.11 -10.94
N ILE A 489 1.89 4.40 -10.60
CA ILE A 489 1.23 5.47 -11.37
C ILE A 489 1.61 5.43 -12.87
N ARG A 490 2.89 5.24 -13.20
CA ARG A 490 3.33 5.26 -14.62
C ARG A 490 2.58 4.19 -15.42
N LEU A 491 2.35 3.04 -14.78
CA LEU A 491 1.67 1.91 -15.40
C LEU A 491 0.25 2.30 -15.77
N ASP A 492 -0.34 3.22 -15.02
CA ASP A 492 -1.60 3.86 -15.43
C ASP A 492 -1.41 4.89 -16.57
N GLU A 493 -0.21 4.92 -17.14
CA GLU A 493 0.13 5.73 -18.32
C GLU A 493 -0.14 7.21 -18.12
N MET B 1 -6.79 31.15 22.94
CA MET B 1 -7.50 32.27 22.27
C MET B 1 -8.85 31.89 21.66
N ARG B 2 -9.18 30.60 21.62
CA ARG B 2 -10.50 30.18 21.15
C ARG B 2 -11.70 30.73 21.96
N ASP B 3 -11.50 31.10 23.22
CA ASP B 3 -12.58 31.76 23.99
C ASP B 3 -13.04 33.11 23.40
N LEU B 4 -12.27 33.64 22.46
CA LEU B 4 -12.63 34.82 21.72
C LEU B 4 -13.73 34.55 20.70
N LEU B 5 -13.78 33.33 20.19
CA LEU B 5 -14.88 32.90 19.32
C LEU B 5 -16.16 32.88 20.12
N SER B 6 -17.29 33.00 19.43
CA SER B 6 -18.60 32.85 20.08
C SER B 6 -18.72 31.43 20.62
N LYS B 7 -19.61 31.25 21.58
CA LYS B 7 -19.77 29.98 22.29
C LYS B 7 -20.10 28.88 21.31
N LYS B 8 -21.00 29.19 20.38
CA LYS B 8 -21.37 28.28 19.29
C LYS B 8 -20.19 27.95 18.41
N SER B 9 -19.53 28.99 17.89
CA SER B 9 -18.39 28.83 16.97
C SER B 9 -17.29 27.99 17.60
N HIS B 10 -16.97 28.31 18.86
CA HIS B 10 -16.01 27.58 19.68
C HIS B 10 -16.40 26.08 19.74
N ARG B 11 -17.67 25.81 19.98
CA ARG B 11 -18.16 24.44 20.11
C ARG B 11 -18.13 23.73 18.76
N GLN B 12 -18.47 24.45 17.69
CA GLN B 12 -18.41 23.89 16.33
C GLN B 12 -16.99 23.57 15.91
N LEU B 13 -16.05 24.38 16.39
CA LEU B 13 -14.65 24.16 16.12
C LEU B 13 -14.19 22.86 16.77
N GLU B 14 -14.49 22.69 18.07
CA GLU B 14 -14.03 21.53 18.82
C GLU B 14 -14.69 20.26 18.30
N LEU B 15 -15.94 20.41 17.81
CA LEU B 15 -16.64 19.33 17.13
C LEU B 15 -15.78 18.79 15.99
N LEU B 16 -15.37 19.70 15.10
CA LEU B 16 -14.59 19.33 13.94
C LEU B 16 -13.23 18.76 14.31
N GLU B 17 -12.56 19.36 15.29
CA GLU B 17 -11.26 18.83 15.73
C GLU B 17 -11.35 17.39 16.24
N LEU B 18 -12.45 17.07 16.91
CA LEU B 18 -12.72 15.71 17.38
C LEU B 18 -12.86 14.79 16.19
N LEU B 19 -13.70 15.19 15.24
CA LEU B 19 -13.93 14.40 14.03
C LEU B 19 -12.65 14.17 13.24
N PHE B 20 -11.91 15.23 12.96
CA PHE B 20 -10.63 15.12 12.26
C PHE B 20 -9.57 14.29 13.03
N GLU B 21 -9.49 14.47 14.34
CA GLU B 21 -8.51 13.74 15.14
C GLU B 21 -8.80 12.23 15.14
N HIS B 22 -9.95 11.83 15.69
CA HIS B 22 -10.29 10.42 15.89
C HIS B 22 -11.04 9.85 14.70
N LYS B 23 -10.67 8.65 14.28
CA LYS B 23 -11.40 7.94 13.23
C LYS B 23 -12.60 7.17 13.79
N ARG B 24 -12.58 6.86 15.09
CA ARG B 24 -13.72 6.21 15.77
C ARG B 24 -15.10 6.63 15.24
N TRP B 25 -15.99 5.66 15.04
CA TRP B 25 -17.38 5.96 14.71
C TRP B 25 -18.02 6.67 15.89
N PHE B 26 -18.78 7.73 15.61
CA PHE B 26 -19.39 8.54 16.67
C PHE B 26 -20.90 8.61 16.57
N HIS B 27 -21.54 8.55 17.74
CA HIS B 27 -22.97 8.76 17.90
C HIS B 27 -23.20 9.93 18.85
N ARG B 28 -24.34 10.61 18.65
CA ARG B 28 -24.62 11.92 19.25
C ARG B 28 -24.37 11.99 20.76
N SER B 29 -24.61 10.89 21.47
CA SER B 29 -24.40 10.81 22.93
C SER B 29 -22.92 10.93 23.32
N GLU B 30 -22.05 10.30 22.55
CA GLU B 30 -20.62 10.40 22.81
C GLU B 30 -20.17 11.83 22.60
N LEU B 31 -20.54 12.40 21.45
CA LEU B 31 -20.21 13.79 21.12
C LEU B 31 -20.65 14.75 22.21
N ALA B 32 -21.95 14.76 22.52
CA ALA B 32 -22.53 15.66 23.51
C ALA B 32 -21.80 15.57 24.84
N GLU B 33 -21.43 14.35 25.22
CA GLU B 33 -20.74 14.11 26.48
C GLU B 33 -19.29 14.57 26.41
N LEU B 34 -18.61 14.26 25.30
CA LEU B 34 -17.21 14.66 25.11
C LEU B 34 -17.06 16.18 25.00
N LEU B 35 -17.92 16.79 24.18
CA LEU B 35 -17.94 18.24 23.99
C LEU B 35 -18.53 18.99 25.19
N ASN B 36 -19.31 18.29 26.02
CA ASN B 36 -19.94 18.86 27.19
C ASN B 36 -21.05 19.83 26.77
N CYS B 37 -22.02 19.30 26.04
CA CYS B 37 -23.14 20.09 25.59
C CYS B 37 -24.39 19.24 25.42
N THR B 38 -25.51 19.89 25.12
CA THR B 38 -26.78 19.21 24.86
C THR B 38 -26.74 18.49 23.51
N GLU B 39 -27.71 17.62 23.26
CA GLU B 39 -27.82 16.92 21.98
C GLU B 39 -28.50 17.80 20.94
N ARG B 40 -29.30 18.76 21.40
CA ARG B 40 -29.87 19.82 20.55
C ARG B 40 -28.72 20.64 19.94
N ALA B 41 -27.78 21.04 20.80
CA ALA B 41 -26.61 21.79 20.37
C ALA B 41 -25.81 21.03 19.31
N VAL B 42 -25.56 19.73 19.55
CA VAL B 42 -24.80 18.91 18.61
C VAL B 42 -25.55 18.75 17.27
N LYS B 43 -26.87 18.61 17.35
CA LYS B 43 -27.68 18.50 16.15
C LYS B 43 -27.54 19.77 15.30
N ASP B 44 -27.59 20.93 15.96
CA ASP B 44 -27.50 22.24 15.29
C ASP B 44 -26.09 22.56 14.78
N ASP B 45 -25.07 22.20 15.55
CA ASP B 45 -23.68 22.37 15.13
C ASP B 45 -23.42 21.58 13.86
N LEU B 46 -23.89 20.32 13.84
CA LEU B 46 -23.70 19.43 12.70
C LEU B 46 -24.34 20.00 11.44
N SER B 47 -25.54 20.52 11.59
CA SER B 47 -26.26 21.14 10.48
C SER B 47 -25.47 22.34 9.93
N HIS B 48 -25.05 23.20 10.85
CA HIS B 48 -24.31 24.43 10.54
C HIS B 48 -22.98 24.08 9.86
N VAL B 49 -22.23 23.19 10.50
CA VAL B 49 -20.95 22.72 9.97
C VAL B 49 -21.06 22.25 8.52
N LYS B 50 -22.03 21.37 8.24
CA LYS B 50 -22.25 20.85 6.88
C LYS B 50 -22.57 21.98 5.92
N SER B 51 -23.36 22.93 6.40
CA SER B 51 -23.70 24.11 5.62
C SER B 51 -22.47 24.99 5.33
N ALA B 52 -21.62 25.19 6.33
CA ALA B 52 -20.42 26.03 6.19
C ALA B 52 -19.32 25.36 5.36
N PHE B 53 -19.09 24.07 5.60
CA PHE B 53 -18.10 23.28 4.84
C PHE B 53 -18.80 22.14 4.10
N PRO B 54 -19.28 22.41 2.87
CA PRO B 54 -20.06 21.40 2.14
C PRO B 54 -19.22 20.18 1.70
N ASP B 55 -17.93 20.38 1.51
CA ASP B 55 -17.05 19.36 0.93
C ASP B 55 -16.70 18.24 1.90
N LEU B 56 -17.10 18.40 3.16
CA LEU B 56 -16.97 17.33 4.15
C LEU B 56 -18.14 16.34 4.00
N ILE B 57 -17.86 15.06 4.24
CA ILE B 57 -18.80 13.97 3.97
C ILE B 57 -18.97 13.04 5.18
N PHE B 58 -20.19 13.00 5.73
CA PHE B 58 -20.51 12.27 6.97
C PHE B 58 -21.31 11.00 6.67
N HIS B 59 -20.80 9.84 7.11
CA HIS B 59 -21.40 8.52 6.83
C HIS B 59 -21.73 7.78 8.13
N ARG B 66 -19.90 10.00 12.09
CA ARG B 66 -18.52 9.89 11.65
C ARG B 66 -18.30 10.52 10.25
N ILE B 67 -17.07 10.95 9.99
CA ILE B 67 -16.68 11.63 8.73
C ILE B 67 -15.52 10.89 8.06
N ILE B 68 -15.62 10.70 6.75
CA ILE B 68 -14.71 9.81 6.00
C ILE B 68 -13.64 10.53 5.18
N ASN B 69 -13.74 11.85 5.07
CA ASN B 69 -12.85 12.66 4.24
C ASN B 69 -11.57 13.12 4.91
N THR B 70 -11.48 12.98 6.23
CA THR B 70 -10.61 13.84 7.07
C THR B 70 -9.15 13.97 6.60
N ASP B 71 -8.53 12.87 6.21
CA ASP B 71 -7.12 12.88 5.79
C ASP B 71 -6.93 13.66 4.47
N ASP B 72 -8.01 13.80 3.71
CA ASP B 72 -8.04 14.49 2.43
C ASP B 72 -8.57 15.95 2.52
N SER B 73 -9.02 16.36 3.69
CA SER B 73 -9.73 17.63 3.85
C SER B 73 -8.84 18.80 4.29
N ASP B 74 -9.22 19.98 3.81
CA ASP B 74 -8.55 21.24 4.12
C ASP B 74 -8.93 21.72 5.55
N ILE B 75 -8.20 21.24 6.56
CA ILE B 75 -8.42 21.69 7.95
C ILE B 75 -8.03 23.15 8.21
N GLU B 76 -7.16 23.73 7.39
CA GLU B 76 -6.81 25.16 7.52
C GLU B 76 -8.00 26.04 7.20
N MET B 77 -8.75 25.64 6.18
CA MET B 77 -9.97 26.35 5.75
C MET B 77 -10.96 26.41 6.91
N VAL B 78 -10.98 25.35 7.71
CA VAL B 78 -11.80 25.37 8.92
C VAL B 78 -11.37 26.54 9.82
N TYR B 79 -10.07 26.61 10.13
CA TYR B 79 -9.57 27.71 10.97
C TYR B 79 -9.80 29.10 10.36
N HIS B 80 -9.53 29.24 9.06
CA HIS B 80 -9.82 30.50 8.34
C HIS B 80 -11.24 30.96 8.56
N HIS B 81 -12.16 30.01 8.36
CA HIS B 81 -13.57 30.28 8.48
C HIS B 81 -13.87 30.86 9.85
N PHE B 82 -13.42 30.19 10.90
CA PHE B 82 -13.71 30.72 12.23
C PHE B 82 -13.02 32.05 12.52
N PHE B 83 -11.81 32.27 12.00
CA PHE B 83 -11.17 33.60 12.12
C PHE B 83 -12.05 34.70 11.46
N LYS B 84 -12.42 34.49 10.20
CA LYS B 84 -13.19 35.48 9.42
C LYS B 84 -14.51 35.87 10.05
N HIS B 85 -15.24 34.87 10.55
CA HIS B 85 -16.56 35.08 11.10
C HIS B 85 -16.55 35.47 12.58
N SER B 86 -15.36 35.56 13.17
CA SER B 86 -15.22 36.18 14.47
C SER B 86 -15.10 37.70 14.26
N THR B 87 -16.11 38.43 14.70
CA THR B 87 -16.03 39.87 14.60
C THR B 87 -14.88 40.33 15.53
N HIS B 88 -14.67 39.58 16.61
CA HIS B 88 -13.58 39.86 17.53
C HIS B 88 -12.19 39.77 16.86
N PHE B 89 -11.92 38.65 16.20
CA PHE B 89 -10.64 38.51 15.51
C PHE B 89 -10.50 39.49 14.34
N SER B 90 -11.59 39.70 13.60
CA SER B 90 -11.59 40.62 12.44
C SER B 90 -11.29 42.06 12.86
N ILE B 91 -11.88 42.47 13.97
CA ILE B 91 -11.69 43.80 14.50
C ILE B 91 -10.28 43.93 15.04
N LEU B 92 -9.83 42.89 15.74
CA LEU B 92 -8.44 42.87 16.24
C LEU B 92 -7.40 43.05 15.14
N GLU B 93 -7.61 42.33 14.03
CA GLU B 93 -6.72 42.47 12.87
C GLU B 93 -6.83 43.85 12.27
N PHE B 94 -8.05 44.32 11.99
CA PHE B 94 -8.24 45.67 11.41
C PHE B 94 -7.47 46.72 12.23
N ILE B 95 -7.59 46.63 13.56
CA ILE B 95 -6.91 47.56 14.44
C ILE B 95 -5.40 47.48 14.30
N PHE B 96 -4.86 46.25 14.19
CA PHE B 96 -3.44 46.04 13.96
C PHE B 96 -2.95 46.76 12.70
N PHE B 97 -3.73 46.72 11.63
CA PHE B 97 -3.35 47.39 10.40
C PHE B 97 -3.65 48.89 10.34
N ASN B 98 -4.25 49.48 11.37
CA ASN B 98 -4.78 50.85 11.27
C ASN B 98 -4.56 51.66 12.51
N GLU B 99 -3.37 51.51 13.09
CA GLU B 99 -3.01 52.28 14.24
C GLU B 99 -3.28 53.76 13.95
N GLY B 100 -3.83 54.45 14.94
CA GLY B 100 -4.09 55.89 14.84
C GLY B 100 -5.37 56.32 14.13
N CYS B 101 -6.12 55.40 13.54
CA CYS B 101 -7.38 55.77 12.89
C CYS B 101 -8.36 56.24 13.96
N GLN B 102 -9.46 56.86 13.52
CA GLN B 102 -10.55 57.20 14.43
C GLN B 102 -11.33 55.93 14.75
N ALA B 103 -11.77 55.82 16.00
CA ALA B 103 -12.63 54.72 16.43
C ALA B 103 -13.90 54.62 15.58
N GLU B 104 -14.42 55.78 15.18
CA GLU B 104 -15.57 55.87 14.28
C GLU B 104 -15.32 55.12 12.97
N SER B 105 -14.09 55.12 12.46
CA SER B 105 -13.76 54.34 11.26
C SER B 105 -14.01 52.86 11.46
N ILE B 106 -13.81 52.40 12.69
CA ILE B 106 -14.02 50.99 13.00
C ILE B 106 -15.52 50.70 13.05
N CYS B 107 -16.25 51.58 13.71
CA CYS B 107 -17.72 51.49 13.71
C CYS B 107 -18.26 51.46 12.27
N LYS B 108 -17.80 52.38 11.44
CA LYS B 108 -18.23 52.40 10.04
C LYS B 108 -17.84 51.14 9.29
N GLU B 109 -16.58 50.72 9.40
CA GLU B 109 -16.11 49.51 8.71
C GLU B 109 -16.90 48.25 9.10
N PHE B 110 -17.26 48.12 10.37
CA PHE B 110 -17.96 46.91 10.79
C PHE B 110 -19.45 47.08 11.10
N TYR B 111 -20.00 48.26 10.80
CA TYR B 111 -21.41 48.52 11.03
C TYR B 111 -21.81 48.12 12.45
N ILE B 112 -21.13 48.73 13.43
CA ILE B 112 -21.47 48.56 14.83
C ILE B 112 -21.52 49.90 15.52
N SER B 113 -22.26 49.95 16.63
CA SER B 113 -22.34 51.15 17.44
C SER B 113 -21.06 51.29 18.25
N SER B 114 -20.85 52.46 18.80
CA SER B 114 -19.67 52.73 19.62
C SER B 114 -19.73 51.89 20.88
N SER B 115 -20.94 51.72 21.42
CA SER B 115 -21.13 50.97 22.65
C SER B 115 -20.79 49.48 22.48
N SER B 116 -21.15 48.88 21.35
CA SER B 116 -20.81 47.49 21.14
C SER B 116 -19.32 47.37 20.80
N LEU B 117 -18.75 48.36 20.11
CA LEU B 117 -17.30 48.37 19.92
C LEU B 117 -16.55 48.35 21.24
N TYR B 118 -16.97 49.17 22.21
CA TYR B 118 -16.31 49.15 23.53
C TYR B 118 -16.51 47.80 24.24
N ARG B 119 -17.68 47.19 24.12
CA ARG B 119 -17.91 45.85 24.66
C ARG B 119 -16.94 44.82 24.04
N ILE B 120 -16.87 44.83 22.71
CA ILE B 120 -16.00 43.93 21.96
C ILE B 120 -14.55 44.09 22.42
N ILE B 121 -14.05 45.32 22.48
CA ILE B 121 -12.71 45.57 22.97
C ILE B 121 -12.49 44.99 24.38
N SER B 122 -13.45 45.19 25.28
CA SER B 122 -13.36 44.65 26.65
C SER B 122 -13.14 43.16 26.64
N GLN B 123 -14.00 42.48 25.88
CA GLN B 123 -13.97 41.01 25.73
C GLN B 123 -12.69 40.48 25.08
N ILE B 124 -12.19 41.20 24.08
CA ILE B 124 -10.91 40.87 23.46
C ILE B 124 -9.80 40.99 24.49
N ASN B 125 -9.76 42.12 25.17
CA ASN B 125 -8.74 42.37 26.21
C ASN B 125 -8.78 41.35 27.34
N LYS B 126 -9.99 40.97 27.75
CA LYS B 126 -10.17 39.94 28.77
C LYS B 126 -9.58 38.60 28.35
N VAL B 127 -9.86 38.16 27.12
CA VAL B 127 -9.36 36.86 26.66
C VAL B 127 -7.83 36.84 26.49
N ILE B 128 -7.31 37.82 25.76
CA ILE B 128 -5.89 37.92 25.46
C ILE B 128 -5.02 37.89 26.71
N LYS B 129 -5.48 38.63 27.73
CA LYS B 129 -4.75 38.83 28.99
C LYS B 129 -4.38 37.52 29.70
N ARG B 130 -5.22 36.50 29.57
CA ARG B 130 -4.89 35.15 30.10
C ARG B 130 -3.56 34.57 29.59
N GLN B 131 -3.14 34.93 28.39
CA GLN B 131 -1.91 34.38 27.80
C GLN B 131 -0.87 35.42 27.54
N PHE B 132 -1.30 36.59 27.08
CA PHE B 132 -0.40 37.62 26.59
C PHE B 132 -0.71 38.94 27.33
N GLN B 133 0.33 39.70 27.67
CA GLN B 133 0.15 40.92 28.43
C GLN B 133 0.21 42.11 27.49
N PHE B 134 -0.89 42.27 26.75
CA PHE B 134 -1.13 43.45 25.96
C PHE B 134 -2.62 43.69 25.85
N GLU B 135 -2.99 44.86 25.35
CA GLU B 135 -4.41 45.25 25.27
C GLU B 135 -4.61 46.21 24.13
N VAL B 136 -5.83 46.24 23.60
CA VAL B 136 -6.21 47.18 22.55
C VAL B 136 -6.77 48.43 23.21
N SER B 137 -6.41 49.59 22.68
CA SER B 137 -6.92 50.89 23.13
C SER B 137 -7.64 51.57 21.99
N LEU B 138 -8.68 52.32 22.32
CA LEU B 138 -9.48 53.06 21.35
C LEU B 138 -9.28 54.58 21.45
N THR B 139 -8.65 55.04 22.52
CA THR B 139 -8.30 56.45 22.64
C THR B 139 -6.84 56.60 23.02
N PRO B 140 -5.97 56.74 22.01
CA PRO B 140 -6.21 56.54 20.57
C PRO B 140 -6.19 55.05 20.18
N VAL B 141 -6.46 54.75 18.90
CA VAL B 141 -6.58 53.39 18.43
C VAL B 141 -5.15 52.82 18.31
N GLN B 142 -4.81 51.92 19.22
CA GLN B 142 -3.49 51.29 19.21
C GLN B 142 -3.50 50.01 20.02
N ILE B 143 -2.45 49.21 19.86
CA ILE B 143 -2.26 48.02 20.66
C ILE B 143 -0.98 48.19 21.47
N ILE B 144 -1.09 47.93 22.77
CA ILE B 144 -0.14 48.41 23.75
C ILE B 144 0.10 47.33 24.79
N GLY B 145 1.29 47.33 25.38
CA GLY B 145 1.66 46.37 26.39
C GLY B 145 2.97 45.72 26.01
N ASN B 146 3.11 44.44 26.32
CA ASN B 146 4.36 43.75 26.14
C ASN B 146 4.63 43.55 24.65
N GLU B 147 5.64 44.24 24.13
CA GLU B 147 5.89 44.29 22.70
C GLU B 147 6.22 42.92 22.06
N ARG B 148 6.94 42.08 22.79
CA ARG B 148 7.29 40.76 22.29
C ARG B 148 6.02 39.91 22.16
N ASP B 149 5.14 39.99 23.17
CA ASP B 149 3.83 39.31 23.14
C ASP B 149 2.99 39.74 21.94
N ILE B 150 3.02 41.04 21.63
CA ILE B 150 2.25 41.60 20.53
C ILE B 150 2.78 41.09 19.21
N ARG B 151 4.08 41.19 19.04
CA ARG B 151 4.70 40.82 17.78
C ARG B 151 4.53 39.33 17.52
N TYR B 152 4.56 38.52 18.58
CA TYR B 152 4.40 37.07 18.44
C TYR B 152 2.97 36.76 18.11
N PHE B 153 2.07 37.32 18.90
CA PHE B 153 0.66 37.05 18.73
C PHE B 153 0.30 37.26 17.27
N PHE B 154 0.71 38.37 16.68
CA PHE B 154 0.21 38.70 15.35
C PHE B 154 0.87 37.92 14.22
N ALA B 155 2.17 37.69 14.34
CA ALA B 155 2.88 36.91 13.35
C ALA B 155 2.29 35.47 13.29
N GLN B 156 1.98 34.92 14.46
CA GLN B 156 1.41 33.60 14.57
C GLN B 156 -0.03 33.59 14.07
N TYR B 157 -0.79 34.61 14.46
CA TYR B 157 -2.11 34.80 13.91
C TYR B 157 -2.10 34.77 12.36
N PHE B 158 -1.25 35.56 11.73
CA PHE B 158 -1.16 35.59 10.28
C PHE B 158 -0.72 34.25 9.67
N SER B 159 0.10 33.48 10.39
CA SER B 159 0.51 32.17 9.89
C SER B 159 -0.66 31.20 9.94
N GLU B 160 -1.62 31.40 10.85
CA GLU B 160 -2.77 30.50 10.96
C GLU B 160 -3.97 30.93 10.14
N LYS B 161 -4.13 32.24 9.94
CA LYS B 161 -5.30 32.72 9.23
C LYS B 161 -5.13 32.71 7.72
N TYR B 162 -3.91 32.82 7.22
CA TYR B 162 -3.73 32.87 5.78
C TYR B 162 -2.93 31.67 5.31
N TYR B 163 -3.21 31.21 4.09
CA TYR B 163 -2.46 30.14 3.48
C TYR B 163 -1.04 30.56 3.27
N PHE B 164 -0.18 29.55 3.18
CA PHE B 164 1.26 29.71 3.05
C PHE B 164 1.62 30.61 1.88
N LEU B 165 0.93 30.46 0.76
CA LEU B 165 1.24 31.30 -0.43
C LEU B 165 0.56 32.68 -0.43
N GLU B 166 -0.36 32.94 0.48
CA GLU B 166 -1.03 34.25 0.52
C GLU B 166 -0.18 35.34 1.11
N TRP B 167 -0.39 36.56 0.64
CA TRP B 167 0.27 37.72 1.18
C TRP B 167 -0.76 38.81 1.51
N PRO B 168 -1.33 38.80 2.74
CA PRO B 168 -2.38 39.77 3.19
C PRO B 168 -1.95 41.21 3.51
N PHE B 169 -0.67 41.53 3.42
CA PHE B 169 -0.20 42.84 3.83
C PHE B 169 -0.20 43.83 2.66
N GLU B 170 -1.24 44.66 2.61
CA GLU B 170 -1.40 45.66 1.53
C GLU B 170 -0.42 46.82 1.62
N ASN B 171 -0.22 47.36 2.81
CA ASN B 171 0.79 48.40 3.05
C ASN B 171 2.21 48.00 2.63
N PHE B 172 2.59 46.74 2.85
CA PHE B 172 3.97 46.33 2.66
C PHE B 172 4.14 45.21 1.64
N SER B 173 4.79 45.51 0.50
CA SER B 173 5.22 44.47 -0.43
C SER B 173 6.18 43.53 0.28
N SER B 174 6.30 42.32 -0.22
CA SER B 174 7.26 41.38 0.34
C SER B 174 8.68 41.62 -0.20
N GLU B 175 8.81 42.21 -1.39
CA GLU B 175 10.11 42.17 -2.08
C GLU B 175 11.24 42.94 -1.36
N PRO B 176 10.99 44.20 -0.96
CA PRO B 176 12.04 44.91 -0.20
C PRO B 176 12.49 44.10 1.00
N LEU B 177 11.52 43.57 1.73
CA LEU B 177 11.78 42.66 2.83
C LEU B 177 12.54 41.39 2.39
N SER B 178 12.20 40.86 1.22
CA SER B 178 12.93 39.71 0.67
C SER B 178 14.39 40.07 0.46
N GLN B 179 14.63 41.14 -0.30
CA GLN B 179 16.01 41.53 -0.62
C GLN B 179 16.82 41.93 0.63
N LEU B 180 16.15 42.46 1.65
CA LEU B 180 16.81 42.62 2.94
C LEU B 180 17.28 41.27 3.48
N LEU B 181 16.36 40.30 3.52
CA LEU B 181 16.68 38.97 4.05
C LEU B 181 17.78 38.28 3.22
N GLU B 182 17.63 38.32 1.90
CA GLU B 182 18.66 37.86 0.98
C GLU B 182 20.03 38.40 1.40
N LEU B 183 20.11 39.73 1.39
CA LEU B 183 21.29 40.45 1.81
C LEU B 183 21.78 40.03 3.19
N VAL B 184 20.87 39.72 4.09
CA VAL B 184 21.25 39.21 5.41
C VAL B 184 21.79 37.79 5.34
N TYR B 185 21.15 36.92 4.56
CA TYR B 185 21.56 35.52 4.45
C TYR B 185 23.00 35.44 3.97
N LYS B 186 23.24 36.06 2.82
CA LYS B 186 24.58 36.21 2.24
C LYS B 186 25.63 36.54 3.31
N GLU B 187 25.36 37.55 4.12
CA GLU B 187 26.33 38.06 5.11
C GLU B 187 26.27 37.35 6.49
N THR B 188 25.48 36.27 6.63
CA THR B 188 25.32 35.60 7.93
C THR B 188 25.30 34.06 7.81
N SER B 189 25.05 33.39 8.94
CA SER B 189 24.95 31.93 8.99
C SER B 189 23.50 31.39 8.91
N PHE B 190 22.50 32.29 9.02
CA PHE B 190 21.08 31.89 8.95
C PHE B 190 20.83 30.82 7.88
N PRO B 191 19.98 29.80 8.20
CA PRO B 191 19.63 28.82 7.15
C PRO B 191 18.74 29.42 6.07
N MET B 192 18.99 29.03 4.83
CA MET B 192 18.19 29.48 3.69
C MET B 192 17.27 28.34 3.23
N ASN B 193 16.01 28.39 3.64
CA ASN B 193 15.01 27.48 3.10
C ASN B 193 13.63 28.15 3.08
N LEU B 194 12.71 27.60 2.30
CA LEU B 194 11.41 28.25 2.11
C LEU B 194 10.59 28.41 3.39
N SER B 195 10.75 27.51 4.35
CA SER B 195 9.90 27.52 5.54
C SER B 195 10.35 28.62 6.47
N THR B 196 11.63 28.62 6.80
CA THR B 196 12.20 29.65 7.66
C THR B 196 12.12 31.01 6.97
N HIS B 197 12.29 31.04 5.65
CA HIS B 197 12.11 32.29 4.92
C HIS B 197 10.69 32.86 5.02
N ARG B 198 9.69 31.99 4.91
CA ARG B 198 8.30 32.45 5.09
C ARG B 198 8.08 32.92 6.53
N MET B 199 8.59 32.19 7.51
CA MET B 199 8.38 32.58 8.91
C MET B 199 9.05 33.94 9.20
N LEU B 200 10.25 34.15 8.65
CA LEU B 200 10.93 35.43 8.84
C LEU B 200 10.18 36.60 8.19
N LYS B 201 9.65 36.39 6.99
CA LYS B 201 8.84 37.42 6.38
C LYS B 201 7.63 37.82 7.23
N LEU B 202 6.95 36.84 7.81
CA LEU B 202 5.80 37.13 8.66
C LEU B 202 6.20 37.88 9.92
N LEU B 203 7.25 37.40 10.60
CA LEU B 203 7.78 38.09 11.76
C LEU B 203 8.16 39.52 11.41
N LEU B 204 8.84 39.71 10.28
CA LEU B 204 9.36 41.03 9.97
C LEU B 204 8.28 41.99 9.52
N VAL B 205 7.32 41.50 8.75
CA VAL B 205 6.29 42.38 8.22
C VAL B 205 5.47 42.85 9.40
N THR B 206 5.24 41.95 10.34
CA THR B 206 4.56 42.27 11.60
C THR B 206 5.33 43.36 12.35
N ASN B 207 6.65 43.19 12.44
CA ASN B 207 7.49 44.09 13.20
C ASN B 207 7.52 45.49 12.58
N LEU B 208 7.43 45.56 11.26
CA LEU B 208 7.42 46.83 10.56
C LEU B 208 6.26 47.74 10.96
N TYR B 209 5.06 47.14 11.07
CA TYR B 209 3.89 47.87 11.54
C TYR B 209 4.13 48.45 12.94
N ARG B 210 4.84 47.71 13.78
CA ARG B 210 5.19 48.25 15.08
C ARG B 210 6.23 49.36 14.91
N ILE B 211 7.26 49.09 14.13
CA ILE B 211 8.38 50.03 13.99
C ILE B 211 7.89 51.34 13.39
N LYS B 212 6.88 51.28 12.52
CA LYS B 212 6.38 52.44 11.83
C LYS B 212 5.75 53.44 12.80
N PHE B 213 5.26 52.96 13.93
CA PHE B 213 4.67 53.82 14.95
C PHE B 213 5.52 53.88 16.21
N GLY B 214 6.78 53.53 16.08
CA GLY B 214 7.73 53.67 17.20
C GLY B 214 7.50 52.72 18.33
N HIS B 215 6.84 51.59 18.07
CA HIS B 215 6.69 50.57 19.11
C HIS B 215 7.90 49.65 19.03
N PHE B 216 8.76 49.76 20.04
CA PHE B 216 10.06 49.12 20.06
C PHE B 216 10.24 48.12 21.20
N MET B 217 11.06 47.11 20.91
CA MET B 217 11.53 46.15 21.89
C MET B 217 12.75 46.70 22.60
N GLU B 218 12.83 46.44 23.90
CA GLU B 218 14.02 46.78 24.66
C GLU B 218 15.06 45.72 24.35
N VAL B 219 16.22 46.17 23.87
CA VAL B 219 17.28 45.28 23.37
C VAL B 219 17.92 44.40 24.46
N LEU B 229 25.44 43.72 14.28
CA LEU B 229 24.67 44.16 13.13
C LEU B 229 25.40 45.18 12.26
N ASP B 230 26.62 45.57 12.64
CA ASP B 230 27.36 46.60 11.93
C ASP B 230 27.48 46.27 10.43
N PHE B 231 28.30 45.26 10.11
CA PHE B 231 28.41 44.73 8.75
C PHE B 231 27.33 45.22 7.76
N LEU B 232 26.07 44.95 8.10
CA LEU B 232 24.94 45.16 7.19
C LEU B 232 24.88 46.52 6.51
N MET B 233 25.19 47.58 7.25
CA MET B 233 25.00 48.95 6.74
C MET B 233 26.05 49.35 5.69
N GLN B 234 27.16 48.61 5.61
CA GLN B 234 28.18 48.81 4.58
C GLN B 234 28.29 47.60 3.64
N ALA B 235 27.32 46.68 3.69
CA ALA B 235 27.31 45.53 2.81
C ALA B 235 26.91 45.97 1.41
N GLU B 236 27.35 45.20 0.42
CA GLU B 236 27.00 45.48 -0.97
C GLU B 236 25.48 45.47 -1.15
N GLY B 237 24.97 46.47 -1.88
CA GLY B 237 23.54 46.53 -2.23
C GLY B 237 22.61 47.18 -1.21
N ILE B 238 23.13 47.52 -0.04
CA ILE B 238 22.34 48.07 1.07
C ILE B 238 21.55 49.33 0.68
N GLU B 239 22.08 50.10 -0.26
CA GLU B 239 21.42 51.34 -0.70
C GLU B 239 20.24 51.05 -1.63
N GLY B 240 20.39 50.06 -2.51
CA GLY B 240 19.28 49.61 -3.36
C GLY B 240 18.15 49.05 -2.50
N VAL B 241 18.51 48.31 -1.46
CA VAL B 241 17.54 47.80 -0.48
C VAL B 241 16.92 48.94 0.33
N ALA B 242 17.76 49.84 0.83
CA ALA B 242 17.31 50.96 1.66
C ALA B 242 16.48 51.96 0.87
N GLN B 243 16.70 52.02 -0.44
CA GLN B 243 15.86 52.83 -1.32
C GLN B 243 14.47 52.20 -1.46
N SER B 244 14.41 50.88 -1.58
CA SER B 244 13.14 50.15 -1.62
C SER B 244 12.33 50.39 -0.36
N PHE B 245 12.99 50.34 0.79
CA PHE B 245 12.35 50.62 2.09
C PHE B 245 11.75 52.02 2.15
N GLU B 246 12.51 53.02 1.71
CA GLU B 246 12.01 54.39 1.67
C GLU B 246 10.86 54.54 0.69
N SER B 247 11.00 54.03 -0.53
CA SER B 247 9.95 54.19 -1.55
C SER B 247 8.72 53.32 -1.26
N GLU B 248 8.93 52.04 -1.00
CA GLU B 248 7.82 51.10 -0.80
C GLU B 248 7.12 51.26 0.55
N TYR B 249 7.91 51.40 1.62
CA TYR B 249 7.35 51.43 2.99
C TYR B 249 7.32 52.82 3.65
N ASN B 250 8.03 53.79 3.08
CA ASN B 250 8.10 55.12 3.67
C ASN B 250 8.87 55.08 5.00
N ILE B 251 9.92 54.25 5.03
CA ILE B 251 10.74 54.05 6.24
C ILE B 251 12.23 54.16 5.91
N SER B 252 12.98 54.80 6.82
CA SER B 252 14.43 54.96 6.67
C SER B 252 15.15 53.79 7.30
N LEU B 253 15.80 52.99 6.47
CA LEU B 253 16.48 51.79 6.94
C LEU B 253 17.80 52.13 7.67
N ASP B 254 17.80 52.03 9.00
CA ASP B 254 18.97 52.38 9.80
C ASP B 254 19.23 51.37 10.90
N GLU B 255 20.23 51.68 11.73
CA GLU B 255 20.68 50.77 12.78
C GLU B 255 19.55 50.45 13.78
N GLU B 256 18.69 51.44 14.03
CA GLU B 256 17.54 51.23 14.91
C GLU B 256 16.52 50.23 14.32
N VAL B 257 16.23 50.39 13.04
CA VAL B 257 15.23 49.58 12.36
C VAL B 257 15.73 48.13 12.26
N VAL B 258 16.95 47.95 11.77
CA VAL B 258 17.49 46.60 11.61
C VAL B 258 17.49 45.91 12.96
N CYS B 259 17.95 46.62 13.98
CA CYS B 259 17.93 46.07 15.33
C CYS B 259 16.51 45.65 15.73
N GLN B 260 15.53 46.51 15.49
CA GLN B 260 14.14 46.22 15.87
C GLN B 260 13.54 45.07 15.03
N LEU B 261 13.90 44.98 13.75
CA LEU B 261 13.45 43.87 12.91
C LEU B 261 13.96 42.51 13.39
N PHE B 262 15.20 42.46 13.89
CA PHE B 262 15.86 41.19 14.22
C PHE B 262 16.17 40.98 15.70
N VAL B 263 15.47 41.70 16.58
CA VAL B 263 15.79 41.71 18.01
C VAL B 263 15.93 40.33 18.62
N SER B 264 15.05 39.43 18.21
CA SER B 264 14.94 38.09 18.79
C SER B 264 16.25 37.30 18.72
N TYR B 265 17.10 37.64 17.76
CA TYR B 265 18.33 36.87 17.51
C TYR B 265 19.55 37.52 18.12
N PHE B 266 19.35 38.59 18.91
CA PHE B 266 20.38 39.13 19.81
C PHE B 266 20.09 38.73 21.26
N GLN B 267 19.33 37.67 21.48
CA GLN B 267 19.25 37.04 22.80
C GLN B 267 20.66 36.62 23.23
N LYS B 268 21.01 36.86 24.49
CA LYS B 268 22.29 36.40 25.02
C LYS B 268 22.44 34.87 24.90
N MET B 269 21.36 34.13 25.15
CA MET B 269 21.43 32.67 25.15
C MET B 269 21.07 32.03 23.81
N PHE B 270 20.77 32.85 22.79
CA PHE B 270 20.70 32.35 21.43
C PHE B 270 22.07 32.47 20.75
N PHE B 271 22.56 31.35 20.21
CA PHE B 271 23.85 31.30 19.55
C PHE B 271 23.69 31.01 18.06
N ILE B 272 23.95 32.02 17.24
CA ILE B 272 23.78 31.91 15.79
C ILE B 272 24.80 30.92 15.15
N ASP B 273 25.96 30.70 15.77
CA ASP B 273 26.92 29.70 15.28
C ASP B 273 27.28 28.65 16.33
N GLU B 274 27.39 27.42 15.84
CA GLU B 274 27.67 26.26 16.66
C GLU B 274 29.00 26.38 17.42
N SER B 275 30.05 26.78 16.70
CA SER B 275 31.38 26.94 17.28
C SER B 275 31.42 27.93 18.43
N LEU B 276 30.67 29.03 18.33
CA LEU B 276 30.61 30.01 19.41
C LEU B 276 29.93 29.40 20.65
N PHE B 277 28.84 28.67 20.40
CA PHE B 277 28.13 27.98 21.47
C PHE B 277 29.11 27.07 22.17
N MET B 278 29.85 26.27 21.42
CA MET B 278 30.80 25.31 22.01
C MET B 278 31.94 26.00 22.78
N LYS B 279 32.33 27.19 22.36
CA LYS B 279 33.34 27.91 23.14
C LYS B 279 32.70 28.47 24.41
N CYS B 280 31.47 28.95 24.29
CA CYS B 280 30.79 29.45 25.47
C CYS B 280 30.54 28.34 26.55
N VAL B 281 30.47 27.09 26.13
CA VAL B 281 30.30 25.93 27.03
C VAL B 281 31.45 25.77 28.02
N LYS B 282 32.63 26.16 27.60
CA LYS B 282 33.80 25.98 28.44
C LYS B 282 33.97 27.13 29.42
N LYS B 283 33.46 28.31 29.08
CA LYS B 283 33.68 29.50 29.88
C LYS B 283 32.45 30.04 30.63
N ASP B 284 31.26 29.48 30.40
CA ASP B 284 30.05 29.98 31.06
C ASP B 284 29.33 28.83 31.73
N SER B 285 29.15 28.93 33.05
CA SER B 285 28.68 27.79 33.82
C SER B 285 27.20 27.47 33.54
N TYR B 286 26.40 28.45 33.14
CA TYR B 286 25.03 28.23 32.76
C TYR B 286 24.97 27.46 31.45
N VAL B 287 25.72 27.95 30.47
CA VAL B 287 25.80 27.25 29.20
C VAL B 287 26.31 25.83 29.41
N GLU B 288 27.33 25.65 30.24
CA GLU B 288 27.87 24.31 30.52
C GLU B 288 26.80 23.40 31.11
N LYS B 289 26.01 23.92 32.05
CA LYS B 289 24.93 23.17 32.65
C LYS B 289 23.93 22.72 31.56
N SER B 290 23.51 23.63 30.69
CA SER B 290 22.61 23.32 29.59
C SER B 290 23.18 22.20 28.74
N TYR B 291 24.45 22.33 28.38
CA TYR B 291 25.11 21.33 27.56
C TYR B 291 25.15 19.97 28.28
N HIS B 292 25.57 19.99 29.54
CA HIS B 292 25.60 18.78 30.38
C HIS B 292 24.21 18.08 30.45
N LEU B 293 23.14 18.82 30.72
CA LEU B 293 21.80 18.20 30.79
C LEU B 293 21.41 17.58 29.43
N LEU B 294 21.68 18.29 28.34
CA LEU B 294 21.27 17.80 27.01
C LEU B 294 22.10 16.60 26.61
N SER B 295 23.37 16.65 26.97
CA SER B 295 24.29 15.60 26.64
C SER B 295 23.92 14.32 27.38
N ASP B 296 23.60 14.41 28.68
CA ASP B 296 23.14 13.21 29.41
C ASP B 296 21.80 12.70 28.88
N PHE B 297 20.89 13.59 28.52
CA PHE B 297 19.59 13.18 27.93
C PHE B 297 19.80 12.40 26.62
N ILE B 298 20.64 12.95 25.75
CA ILE B 298 20.90 12.32 24.46
C ILE B 298 21.56 10.96 24.64
N ASP B 299 22.55 10.87 25.51
CA ASP B 299 23.24 9.58 25.78
C ASP B 299 22.26 8.58 26.37
N GLN B 300 21.44 9.02 27.31
CA GLN B 300 20.45 8.14 27.95
C GLN B 300 19.44 7.56 26.93
N ILE B 301 18.86 8.43 26.10
CA ILE B 301 17.90 7.99 25.10
C ILE B 301 18.54 7.12 24.01
N SER B 302 19.75 7.46 23.59
CA SER B 302 20.45 6.70 22.55
C SER B 302 20.73 5.31 23.00
N VAL B 303 21.20 5.15 24.23
CA VAL B 303 21.49 3.81 24.73
C VAL B 303 20.20 3.04 24.96
N LYS B 304 19.19 3.67 25.54
CA LYS B 304 17.95 2.95 25.82
C LYS B 304 17.22 2.47 24.55
N TYR B 305 17.14 3.31 23.53
CA TYR B 305 16.45 2.95 22.28
C TYR B 305 17.41 2.56 21.12
N GLN B 306 18.70 2.44 21.41
CA GLN B 306 19.73 2.06 20.42
CA GLN B 306 19.77 2.11 20.44
C GLN B 306 19.67 2.94 19.17
N ILE B 307 19.82 4.25 19.36
CA ILE B 307 19.72 5.22 18.30
C ILE B 307 21.11 5.78 18.06
N GLU B 308 21.54 5.75 16.82
CA GLU B 308 22.82 6.31 16.42
C GLU B 308 22.69 7.81 16.41
N ILE B 309 23.45 8.48 17.26
CA ILE B 309 23.54 9.92 17.22
C ILE B 309 24.93 10.18 16.67
N GLU B 310 25.01 10.78 15.50
CA GLU B 310 26.30 11.13 14.92
C GLU B 310 26.78 12.45 15.50
N ASN B 311 26.06 13.52 15.18
CA ASN B 311 26.54 14.85 15.54
C ASN B 311 25.82 15.37 16.78
N LYS B 312 26.17 14.78 17.91
CA LYS B 312 25.55 15.12 19.17
C LYS B 312 25.64 16.63 19.44
N ASP B 313 26.81 17.21 19.19
CA ASP B 313 27.04 18.61 19.55
C ASP B 313 26.16 19.54 18.77
N ASN B 314 25.93 19.20 17.51
CA ASN B 314 25.02 19.99 16.67
C ASN B 314 23.57 19.93 17.20
N LEU B 315 23.13 18.72 17.57
CA LEU B 315 21.82 18.52 18.19
C LEU B 315 21.70 19.29 19.52
N ILE B 316 22.69 19.17 20.38
CA ILE B 316 22.67 19.93 21.65
C ILE B 316 22.53 21.42 21.40
N TRP B 317 23.32 21.93 20.47
CA TRP B 317 23.24 23.34 20.10
C TRP B 317 21.86 23.75 19.66
N HIS B 318 21.23 22.95 18.82
CA HIS B 318 19.87 23.25 18.35
C HIS B 318 18.84 23.21 19.49
N LEU B 319 18.92 22.19 20.33
CA LEU B 319 17.99 22.07 21.47
C LEU B 319 18.19 23.25 22.44
N HIS B 320 19.44 23.59 22.72
CA HIS B 320 19.73 24.75 23.59
C HIS B 320 19.14 26.01 23.00
N ASN B 321 19.43 26.28 21.73
CA ASN B 321 18.83 27.47 21.06
C ASN B 321 17.34 27.52 21.13
N THR B 322 16.71 26.40 20.77
CA THR B 322 15.27 26.34 20.75
C THR B 322 14.68 26.61 22.14
N ALA B 323 15.32 26.08 23.18
CA ALA B 323 14.80 26.19 24.55
C ALA B 323 14.94 27.59 25.10
N HIS B 324 15.81 28.40 24.48
CA HIS B 324 16.06 29.78 24.97
C HIS B 324 15.45 30.89 24.13
N LEU B 325 14.66 30.51 23.13
CA LEU B 325 13.77 31.44 22.47
C LEU B 325 12.44 31.32 23.20
N TYR B 326 11.77 32.44 23.42
CA TYR B 326 10.45 32.42 24.00
C TYR B 326 9.61 33.39 23.21
N ARG B 327 8.51 32.90 22.67
CA ARG B 327 7.65 33.70 21.83
C ARG B 327 8.46 34.46 20.82
N GLN B 328 9.43 33.78 20.22
CA GLN B 328 10.23 34.35 19.17
C GLN B 328 10.26 33.50 17.90
N GLU B 329 9.87 32.23 18.00
CA GLU B 329 9.74 31.33 16.86
C GLU B 329 8.28 30.98 16.70
N LEU B 330 7.78 31.01 15.47
CA LEU B 330 6.40 30.63 15.22
C LEU B 330 6.16 29.14 15.44
N PHE B 331 4.89 28.76 15.53
CA PHE B 331 4.49 27.38 15.67
C PHE B 331 4.95 26.78 17.01
N THR B 332 5.02 27.60 18.03
CA THR B 332 5.34 27.14 19.36
C THR B 332 4.04 27.26 20.13
N GLU B 333 3.68 28.48 20.47
CA GLU B 333 2.30 28.76 20.94
C GLU B 333 1.39 29.06 19.73
N PHE B 334 0.13 28.68 19.84
CA PHE B 334 -0.87 28.77 18.77
C PHE B 334 -2.00 29.70 19.16
N ILE B 335 -2.75 30.20 18.17
CA ILE B 335 -3.92 31.03 18.42
C ILE B 335 -5.11 30.10 18.54
N LEU B 336 -5.46 29.44 17.43
CA LEU B 336 -6.49 28.38 17.40
C LEU B 336 -5.98 26.98 16.98
N PHE B 337 -4.99 26.96 16.09
CA PHE B 337 -4.52 25.75 15.40
C PHE B 337 -3.16 25.30 15.96
N ASP B 338 -3.20 24.30 16.85
CA ASP B 338 -2.00 23.76 17.49
C ASP B 338 -1.39 22.73 16.56
N GLN B 339 -0.81 23.20 15.47
CA GLN B 339 -0.28 22.30 14.43
C GLN B 339 0.97 21.57 14.95
N LYS B 340 1.85 22.26 15.67
CA LYS B 340 3.00 21.63 16.27
C LYS B 340 2.59 20.47 17.19
N GLY B 341 1.66 20.74 18.09
CA GLY B 341 1.16 19.74 19.02
C GLY B 341 0.56 18.53 18.30
N ASN B 342 -0.23 18.76 17.24
CA ASN B 342 -0.84 17.66 16.47
C ASN B 342 0.24 16.79 15.81
N THR B 343 1.32 17.41 15.38
CA THR B 343 2.41 16.68 14.71
C THR B 343 3.13 15.76 15.68
N ILE B 344 3.38 16.25 16.88
CA ILE B 344 3.92 15.40 17.92
C ILE B 344 2.97 14.30 18.33
N ARG B 345 1.68 14.61 18.45
CA ARG B 345 0.67 13.61 18.82
C ARG B 345 0.57 12.49 17.79
N ASN B 346 0.63 12.83 16.52
CA ASN B 346 0.69 11.82 15.45
C ASN B 346 1.91 10.88 15.61
N PHE B 347 3.07 11.43 15.90
CA PHE B 347 4.24 10.63 16.10
C PHE B 347 4.08 9.77 17.33
N GLN B 348 3.46 10.35 18.34
CA GLN B 348 3.23 9.66 19.60
C GLN B 348 2.29 8.47 19.44
N ASN B 349 1.34 8.56 18.52
CA ASN B 349 0.48 7.43 18.15
C ASN B 349 1.22 6.21 17.67
N ILE B 350 2.37 6.41 17.06
CA ILE B 350 3.17 5.29 16.59
C ILE B 350 4.14 4.82 17.66
N PHE B 351 4.79 5.77 18.34
CA PHE B 351 5.84 5.45 19.31
C PHE B 351 5.56 6.09 20.67
N PRO B 352 4.55 5.57 21.39
CA PRO B 352 4.06 6.28 22.58
C PRO B 352 5.08 6.32 23.71
N LYS B 353 5.86 5.26 23.87
CA LYS B 353 6.81 5.16 24.97
C LYS B 353 8.03 6.07 24.69
N PHE B 354 8.53 6.01 23.45
CA PHE B 354 9.60 6.86 23.07
C PHE B 354 9.26 8.32 23.29
N VAL B 355 8.09 8.73 22.82
CA VAL B 355 7.71 10.12 22.93
C VAL B 355 7.48 10.51 24.38
N SER B 356 6.88 9.63 25.16
CA SER B 356 6.69 9.93 26.59
C SER B 356 8.05 10.11 27.27
N ASP B 357 9.04 9.30 26.88
CA ASP B 357 10.36 9.44 27.50
C ASP B 357 11.03 10.75 27.13
N VAL B 358 10.98 11.14 25.85
CA VAL B 358 11.67 12.36 25.49
C VAL B 358 11.02 13.59 26.12
N LYS B 359 9.71 13.57 26.23
CA LYS B 359 8.98 14.69 26.84
C LYS B 359 9.35 14.86 28.30
N LYS B 360 9.42 13.76 29.03
CA LYS B 360 9.83 13.79 30.43
C LYS B 360 11.24 14.29 30.59
N GLU B 361 12.15 13.80 29.74
CA GLU B 361 13.53 14.28 29.82
C GLU B 361 13.64 15.76 29.49
N LEU B 362 12.93 16.20 28.47
CA LEU B 362 13.05 17.60 28.07
C LEU B 362 12.33 18.51 29.05
N SER B 363 11.22 18.04 29.61
CA SER B 363 10.54 18.77 30.67
C SER B 363 11.47 18.98 31.88
N HIS B 364 12.20 17.93 32.25
CA HIS B 364 13.17 18.05 33.33
C HIS B 364 14.28 19.02 32.96
N TYR B 365 14.77 18.96 31.70
CA TYR B 365 15.79 19.94 31.22
C TYR B 365 15.32 21.38 31.42
N LEU B 366 14.15 21.66 30.88
CA LEU B 366 13.58 22.99 30.99
C LEU B 366 13.36 23.47 32.45
N GLU B 367 12.80 22.61 33.29
CA GLU B 367 12.58 22.96 34.70
C GLU B 367 13.86 23.17 35.48
N THR B 368 14.86 22.35 35.21
CA THR B 368 16.13 22.47 35.88
C THR B 368 16.82 23.81 35.54
N LEU B 369 16.77 24.22 34.28
CA LEU B 369 17.29 25.54 33.91
C LEU B 369 16.35 26.70 34.28
N GLU B 370 15.10 26.42 34.60
CA GLU B 370 14.11 27.42 34.96
C GLU B 370 13.71 28.29 33.76
N VAL B 371 13.65 27.68 32.59
CA VAL B 371 13.06 28.34 31.44
C VAL B 371 11.65 27.85 31.27
N CYS B 372 10.95 28.43 30.30
CA CYS B 372 9.59 28.02 30.00
C CYS B 372 9.51 26.51 29.86
N SER B 373 8.68 25.88 30.69
CA SER B 373 8.41 24.44 30.62
C SER B 373 6.94 24.11 30.35
N SER B 374 6.26 24.98 29.60
CA SER B 374 4.87 24.74 29.19
C SER B 374 4.83 23.49 28.29
N SER B 375 3.66 22.87 28.17
CA SER B 375 3.51 21.79 27.21
C SER B 375 3.78 22.25 25.78
N MET B 376 3.52 23.52 25.47
CA MET B 376 3.84 24.05 24.14
C MET B 376 5.35 23.95 23.84
N MET B 377 6.17 24.34 24.81
CA MET B 377 7.63 24.25 24.67
C MET B 377 8.13 22.81 24.72
N VAL B 378 7.53 21.97 25.55
CA VAL B 378 7.94 20.55 25.62
C VAL B 378 7.66 19.87 24.26
N ASN B 379 6.51 20.17 23.68
CA ASN B 379 6.12 19.66 22.37
C ASN B 379 7.05 20.10 21.29
N HIS B 380 7.35 21.39 21.26
CA HIS B 380 8.28 21.93 20.27
C HIS B 380 9.70 21.39 20.41
N LEU B 381 10.22 21.32 21.62
CA LEU B 381 11.58 20.79 21.81
C LEU B 381 11.64 19.31 21.39
N SER B 382 10.62 18.56 21.78
CA SER B 382 10.51 17.15 21.42
C SER B 382 10.45 16.98 19.91
N TYR B 383 9.65 17.81 19.27
CA TYR B 383 9.55 17.83 17.83
C TYR B 383 10.91 18.12 17.23
N THR B 384 11.63 19.04 17.86
CA THR B 384 12.95 19.39 17.41
C THR B 384 13.91 18.21 17.52
N PHE B 385 13.87 17.52 18.65
CA PHE B 385 14.74 16.36 18.82
C PHE B 385 14.44 15.33 17.73
N ILE B 386 13.16 15.09 17.48
CA ILE B 386 12.77 14.06 16.53
C ILE B 386 13.27 14.36 15.13
N THR B 387 12.99 15.57 14.67
CA THR B 387 13.29 15.97 13.30
C THR B 387 14.74 16.24 13.00
N HIS B 388 15.55 16.42 14.03
CA HIS B 388 16.99 16.53 13.83
C HIS B 388 17.69 15.21 13.92
N THR B 389 16.98 14.12 14.19
CA THR B 389 17.67 12.87 14.45
C THR B 389 17.66 12.06 13.18
N LYS B 390 18.84 11.48 12.88
CA LYS B 390 19.09 10.71 11.67
C LYS B 390 18.75 9.25 11.89
N HIS B 391 17.95 8.74 10.96
CA HIS B 391 17.54 7.35 10.93
C HIS B 391 16.63 6.93 12.10
N LEU B 392 15.83 7.86 12.61
CA LEU B 392 15.02 7.59 13.83
C LEU B 392 14.09 6.40 13.69
N VAL B 393 13.22 6.41 12.66
CA VAL B 393 12.20 5.37 12.58
C VAL B 393 12.88 3.99 12.39
N ILE B 394 13.90 3.97 11.54
CA ILE B 394 14.68 2.76 11.29
C ILE B 394 15.19 2.25 12.64
N ASN B 395 15.88 3.11 13.39
CA ASN B 395 16.42 2.66 14.66
C ASN B 395 15.31 2.20 15.56
N LEU B 396 14.17 2.91 15.53
CA LEU B 396 13.07 2.57 16.45
C LEU B 396 12.48 1.17 16.15
N LEU B 397 12.50 0.76 14.89
CA LEU B 397 11.95 -0.55 14.47
C LEU B 397 12.95 -1.74 14.40
N GLN B 398 14.23 -1.49 14.69
CA GLN B 398 15.34 -2.45 14.49
C GLN B 398 15.22 -3.82 15.18
N ASN B 399 14.48 -3.91 16.29
CA ASN B 399 14.24 -5.20 16.94
C ASN B 399 13.11 -6.01 16.30
N GLN B 400 12.35 -5.41 15.39
CA GLN B 400 11.22 -6.08 14.73
C GLN B 400 11.77 -7.01 13.67
N PRO B 401 11.55 -8.32 13.82
CA PRO B 401 12.10 -9.23 12.82
C PRO B 401 11.47 -9.00 11.46
N LYS B 402 12.16 -9.45 10.43
CA LYS B 402 11.64 -9.47 9.07
C LYS B 402 10.38 -10.31 9.06
N LEU B 403 9.43 -9.95 8.23
CA LEU B 403 8.24 -10.79 8.05
C LEU B 403 8.57 -11.85 7.00
N LYS B 404 8.36 -13.12 7.34
CA LYS B 404 8.65 -14.19 6.43
C LYS B 404 7.41 -14.53 5.62
N VAL B 405 7.60 -14.62 4.31
CA VAL B 405 6.48 -14.82 3.38
C VAL B 405 6.76 -16.05 2.59
N LEU B 406 5.80 -16.99 2.58
CA LEU B 406 5.90 -18.20 1.81
C LEU B 406 5.07 -18.03 0.55
N VAL B 407 5.60 -18.43 -0.60
CA VAL B 407 4.88 -18.41 -1.89
C VAL B 407 4.80 -19.82 -2.45
N MET B 408 3.58 -20.28 -2.75
CA MET B 408 3.34 -21.58 -3.32
C MET B 408 2.39 -21.49 -4.52
N SER B 409 2.58 -22.40 -5.46
CA SER B 409 1.72 -22.52 -6.64
C SER B 409 1.30 -23.96 -6.80
N ASN B 410 0.07 -24.20 -7.27
CA ASN B 410 -0.28 -25.58 -7.57
C ASN B 410 0.19 -26.01 -8.95
N PHE B 411 0.72 -25.08 -9.74
CA PHE B 411 1.24 -25.43 -11.09
C PHE B 411 2.64 -26.03 -11.04
N ASP B 412 3.59 -25.29 -10.50
CA ASP B 412 4.97 -25.75 -10.55
C ASP B 412 5.80 -24.75 -9.77
N GLN B 413 7.01 -25.12 -9.41
CA GLN B 413 7.81 -24.22 -8.59
C GLN B 413 8.33 -23.00 -9.38
N TYR B 414 8.40 -23.06 -10.72
CA TYR B 414 8.79 -21.86 -11.50
C TYR B 414 7.83 -20.71 -11.25
N HIS B 415 6.55 -21.05 -11.12
CA HIS B 415 5.53 -20.03 -10.93
C HIS B 415 5.75 -19.37 -9.58
N ALA B 416 6.02 -20.18 -8.55
CA ALA B 416 6.20 -19.65 -7.20
C ALA B 416 7.44 -18.76 -7.12
N LYS B 417 8.51 -19.18 -7.82
CA LYS B 417 9.74 -18.41 -7.85
C LYS B 417 9.59 -17.14 -8.64
N PHE B 418 8.88 -17.20 -9.76
CA PHE B 418 8.59 -16.00 -10.51
C PHE B 418 7.90 -14.95 -9.63
N VAL B 419 6.87 -15.38 -8.92
CA VAL B 419 6.13 -14.46 -8.06
C VAL B 419 6.99 -14.01 -6.88
N ALA B 420 7.68 -14.95 -6.25
CA ALA B 420 8.57 -14.61 -5.13
C ALA B 420 9.62 -13.56 -5.50
N GLU B 421 10.26 -13.71 -6.65
CA GLU B 421 11.26 -12.75 -7.10
C GLU B 421 10.67 -11.40 -7.45
N THR B 422 9.51 -11.40 -8.09
CA THR B 422 8.86 -10.12 -8.42
C THR B 422 8.48 -9.37 -7.14
N LEU B 423 7.87 -10.08 -6.20
CA LEU B 423 7.44 -9.45 -4.95
C LEU B 423 8.64 -9.05 -4.11
N SER B 424 9.70 -9.85 -4.08
CA SER B 424 10.84 -9.48 -3.26
C SER B 424 11.51 -8.21 -3.82
N TYR B 425 11.54 -8.06 -5.15
CA TYR B 425 12.02 -6.82 -5.73
C TYR B 425 11.16 -5.60 -5.43
N TYR B 426 9.86 -5.72 -5.66
CA TYR B 426 8.98 -4.55 -5.60
C TYR B 426 8.47 -4.23 -4.22
N CYS B 427 8.34 -5.22 -3.37
CA CYS B 427 7.76 -5.00 -2.04
C CYS B 427 8.84 -4.61 -1.01
N SER B 428 8.38 -4.05 0.10
CA SER B 428 9.28 -3.66 1.18
C SER B 428 10.37 -4.71 1.50
N ASN B 429 11.57 -4.21 1.76
CA ASN B 429 12.69 -5.03 2.27
C ASN B 429 12.36 -5.52 3.71
N ASN B 430 11.23 -5.12 4.30
CA ASN B 430 10.72 -5.75 5.53
C ASN B 430 10.37 -7.22 5.35
N PHE B 431 10.16 -7.65 4.09
CA PHE B 431 9.73 -9.00 3.83
C PHE B 431 10.92 -9.88 3.46
N GLU B 432 10.78 -11.17 3.73
CA GLU B 432 11.71 -12.16 3.19
C GLU B 432 10.89 -13.23 2.56
N LEU B 433 10.93 -13.30 1.23
CA LEU B 433 10.15 -14.27 0.45
C LEU B 433 10.90 -15.57 0.18
N GLU B 434 10.21 -16.69 0.36
CA GLU B 434 10.76 -18.01 0.13
C GLU B 434 9.67 -18.91 -0.49
N VAL B 435 10.11 -20.00 -1.08
CA VAL B 435 9.23 -21.04 -1.59
C VAL B 435 9.31 -22.25 -0.67
N TRP B 436 8.37 -23.19 -0.81
CA TRP B 436 8.35 -24.39 0.02
C TRP B 436 9.28 -25.39 -0.64
N THR B 437 10.20 -25.95 0.13
CA THR B 437 11.25 -26.83 -0.39
C THR B 437 11.03 -28.32 -0.10
N GLU B 438 10.08 -28.68 0.76
CA GLU B 438 9.80 -30.12 1.01
C GLU B 438 8.88 -30.68 -0.05
N LEU B 439 8.89 -31.99 -0.24
CA LEU B 439 8.04 -32.62 -1.24
C LEU B 439 6.57 -32.60 -0.82
N GLU B 440 6.33 -32.80 0.47
CA GLU B 440 4.98 -32.88 1.01
C GLU B 440 4.63 -31.59 1.69
N LEU B 441 3.34 -31.33 1.74
CA LEU B 441 2.76 -30.20 2.44
C LEU B 441 1.67 -30.77 3.31
N SER B 442 1.53 -30.22 4.51
CA SER B 442 0.43 -30.63 5.39
C SER B 442 0.07 -29.45 6.25
N LYS B 443 -1.08 -29.51 6.87
CA LYS B 443 -1.49 -28.46 7.78
C LYS B 443 -0.50 -28.31 8.94
N GLU B 444 0.00 -29.43 9.45
CA GLU B 444 0.86 -29.41 10.63
C GLU B 444 2.25 -28.86 10.25
N SER B 445 2.78 -29.22 9.08
CA SER B 445 4.07 -28.65 8.67
C SER B 445 3.95 -27.13 8.41
N LEU B 446 2.77 -26.68 7.96
CA LEU B 446 2.50 -25.26 7.82
C LEU B 446 2.37 -24.59 9.17
N GLU B 447 1.64 -25.22 10.09
CA GLU B 447 1.55 -24.70 11.48
C GLU B 447 2.91 -24.60 12.17
N ASP B 448 3.76 -25.60 11.94
CA ASP B 448 5.10 -25.60 12.51
C ASP B 448 6.03 -24.63 11.85
N SER B 449 5.66 -24.12 10.67
CA SER B 449 6.56 -23.28 9.90
C SER B 449 6.63 -21.92 10.54
N PRO B 450 7.69 -21.16 10.26
CA PRO B 450 7.83 -19.82 10.81
C PRO B 450 7.23 -18.68 9.96
N TYR B 451 6.46 -18.96 8.92
CA TYR B 451 5.93 -17.91 8.05
C TYR B 451 4.88 -17.06 8.74
N ASP B 452 4.96 -15.76 8.49
CA ASP B 452 3.97 -14.78 8.92
C ASP B 452 2.86 -14.65 7.91
N ILE B 453 3.21 -14.76 6.61
CA ILE B 453 2.26 -14.60 5.52
C ILE B 453 2.45 -15.73 4.51
N ILE B 454 1.37 -16.24 3.96
CA ILE B 454 1.45 -17.30 2.97
C ILE B 454 0.66 -16.82 1.77
N ILE B 455 1.31 -16.79 0.60
CA ILE B 455 0.67 -16.42 -0.64
C ILE B 455 0.55 -17.68 -1.46
N SER B 456 -0.64 -17.98 -1.95
CA SER B 456 -0.92 -19.22 -2.63
C SER B 456 -2.02 -19.06 -3.69
N ASN B 457 -1.95 -19.84 -4.76
CA ASN B 457 -3.05 -19.88 -5.73
C ASN B 457 -3.91 -21.15 -5.55
N PHE B 458 -3.75 -21.80 -4.40
CA PHE B 458 -4.61 -22.90 -4.00
C PHE B 458 -4.99 -22.76 -2.54
N ILE B 459 -6.22 -23.12 -2.25
CA ILE B 459 -6.78 -22.96 -0.91
C ILE B 459 -6.12 -23.95 0.03
N ILE B 460 -5.74 -23.45 1.21
CA ILE B 460 -5.32 -24.30 2.31
C ILE B 460 -6.18 -23.96 3.55
N PRO B 461 -6.20 -24.82 4.57
CA PRO B 461 -6.97 -24.47 5.77
C PRO B 461 -6.36 -23.29 6.51
N PRO B 462 -7.15 -22.55 7.31
CA PRO B 462 -6.53 -21.51 8.14
C PRO B 462 -5.39 -22.08 9.00
N ILE B 463 -4.30 -21.36 9.07
CA ILE B 463 -3.12 -21.80 9.79
C ILE B 463 -2.97 -20.74 10.88
N GLU B 464 -3.15 -21.13 12.14
CA GLU B 464 -3.16 -20.17 13.25
C GLU B 464 -1.95 -19.20 13.19
N ASN B 465 -2.23 -17.90 13.27
CA ASN B 465 -1.19 -16.82 13.20
C ASN B 465 -0.49 -16.57 11.86
N LYS B 466 -1.09 -17.05 10.77
CA LYS B 466 -0.58 -16.79 9.43
C LYS B 466 -1.62 -15.98 8.67
N ARG B 467 -1.20 -14.90 8.03
CA ARG B 467 -2.10 -14.20 7.10
C ARG B 467 -2.02 -14.89 5.74
N LEU B 468 -3.15 -15.28 5.17
CA LEU B 468 -3.22 -15.94 3.87
C LEU B 468 -3.63 -14.92 2.81
N ILE B 469 -2.92 -14.92 1.68
CA ILE B 469 -3.32 -14.14 0.51
C ILE B 469 -3.50 -15.12 -0.62
N TYR B 470 -4.72 -15.27 -1.13
CA TYR B 470 -4.97 -16.08 -2.32
C TYR B 470 -4.84 -15.25 -3.57
N SER B 471 -4.32 -15.86 -4.62
CA SER B 471 -3.82 -15.11 -5.78
C SER B 471 -4.51 -15.42 -7.07
N ASN B 472 -5.50 -16.33 -7.10
CA ASN B 472 -6.13 -16.66 -8.36
C ASN B 472 -6.82 -15.51 -9.06
N ASN B 473 -7.47 -14.60 -8.34
CA ASN B 473 -8.10 -13.53 -9.11
C ASN B 473 -7.40 -12.19 -8.97
N ILE B 474 -6.10 -12.25 -8.67
CA ILE B 474 -5.30 -11.08 -8.35
C ILE B 474 -4.12 -11.07 -9.28
N ASN B 475 -3.91 -10.00 -10.02
CA ASN B 475 -2.69 -9.89 -10.80
C ASN B 475 -1.48 -9.51 -9.93
N THR B 476 -0.29 -9.65 -10.50
CA THR B 476 0.95 -9.41 -9.74
C THR B 476 1.09 -8.00 -9.16
N VAL B 477 0.63 -7.01 -9.89
CA VAL B 477 0.62 -5.65 -9.42
C VAL B 477 -0.30 -5.51 -8.21
N SER B 478 -1.50 -6.06 -8.29
CA SER B 478 -2.40 -6.04 -7.13
C SER B 478 -1.78 -6.76 -5.95
N LEU B 479 -1.11 -7.87 -6.23
CA LEU B 479 -0.46 -8.63 -5.18
C LEU B 479 0.63 -7.81 -4.51
N ILE B 480 1.40 -7.05 -5.29
CA ILE B 480 2.40 -6.18 -4.69
C ILE B 480 1.71 -5.19 -3.72
N TYR B 481 0.59 -4.60 -4.13
CA TYR B 481 -0.06 -3.62 -3.26
C TYR B 481 -0.54 -4.29 -1.99
N LEU B 482 -1.16 -5.47 -2.14
CA LEU B 482 -1.69 -6.19 -1.00
C LEU B 482 -0.60 -6.57 -0.01
N LEU B 483 0.52 -7.07 -0.51
CA LEU B 483 1.62 -7.43 0.39
C LEU B 483 2.21 -6.20 1.09
N ASN B 484 2.49 -5.14 0.36
CA ASN B 484 3.05 -3.97 0.97
C ASN B 484 2.17 -3.36 2.08
N ALA B 485 0.85 -3.52 2.00
CA ALA B 485 -0.06 -3.04 3.03
C ALA B 485 0.19 -3.72 4.38
N MET B 486 0.85 -4.87 4.37
CA MET B 486 1.18 -5.61 5.57
C MET B 486 2.58 -5.36 6.07
N MET B 487 3.27 -4.35 5.55
CA MET B 487 4.70 -4.22 5.81
C MET B 487 5.05 -3.91 7.29
N PHE B 488 4.11 -3.39 8.05
CA PHE B 488 4.31 -3.08 9.47
C PHE B 488 3.38 -3.93 10.37
N ILE B 489 3.05 -5.15 9.96
CA ILE B 489 2.34 -6.09 10.83
C ILE B 489 2.92 -6.16 12.26
N ARG B 490 4.25 -6.25 12.39
CA ARG B 490 4.89 -6.36 13.71
C ARG B 490 4.58 -5.14 14.58
N LEU B 491 4.71 -3.96 14.01
CA LEU B 491 4.37 -2.72 14.70
C LEU B 491 2.94 -2.79 15.26
N ASP B 492 2.10 -3.63 14.65
CA ASP B 492 0.79 -4.02 15.21
C ASP B 492 0.85 -5.40 15.87
K K C . 13.16 2.25 -0.41
NI NI D . 15.71 -18.31 -38.58
C1 GOL E . 13.11 -0.95 -0.53
O1 GOL E . 12.50 -1.47 0.75
C2 GOL E . 12.79 -1.65 -1.90
O2 GOL E . 12.11 -0.86 -2.94
C3 GOL E . 14.03 -2.15 -2.67
O3 GOL E . 15.36 -2.25 -2.04
#